data_4IMK
#
_entry.id   4IMK
#
_cell.length_a   65.969
_cell.length_b   86.670
_cell.length_c   205.813
_cell.angle_alpha   90.00
_cell.angle_beta   90.00
_cell.angle_gamma   90.00
#
_symmetry.space_group_name_H-M   'P 21 21 21'
#
loop_
_entity.id
_entity.type
_entity.pdbx_description
1 polymer 'Heavy Chain'
2 polymer 'Light Chain'
3 non-polymer 'SODIUM ION'
4 non-polymer GLYCEROL
5 non-polymer 'SULFATE ION'
6 water water
#
loop_
_entity_poly.entity_id
_entity_poly.type
_entity_poly.pdbx_seq_one_letter_code
_entity_poly.pdbx_strand_id
1 'polypeptide(L)'
;QVQLVQSGAEVKKPGASVKVSCKASGYTFTGYYMHWVRQAPGQGLEWMGWINPNSGGTNYAQKFQGRVTMTRDTSISTAY
MELSRLRSDDTAVYYCARSPNPYYYDSSGYYYPGAFDIWGQGTMVTVSSASTKGPSVFPLAPSSKSTSGGTAALGCLVKD
YFPEPVTVSWNSGALTSGVHTFPAVLQSSGLYSLSSVVTVPSSSLGTQTYICNVNHKPSNTKVDKKVEPK
;
A,B
2 'polypeptide(L)'
;QPGLTQPPSVSVAPGQTARITCGGNNIGSKSVHWYQQKPGQAPVLVVYDDSDRPSGIPERFSGSNSGNTATLTISRVEAG
DEADYYCQVWDSSSDHYVFGTGTKVTVLRTVAAPSVFIFPPSDEQLKSGTASVVCLLNNFYPREAKVQWKVDNALQSGNS
QESVTEQDSKDSTYSLSSTLTLSKADYEKHKVYACEVTHQGLSSPVTKSFNRGECGSGHHHHHH
;
C,D
#
# COMPACT_ATOMS: atom_id res chain seq x y z
N GLN A 1 15.47 -11.53 -12.40
CA GLN A 1 15.19 -11.50 -13.84
C GLN A 1 16.41 -10.96 -14.60
N VAL A 2 16.15 -10.10 -15.57
CA VAL A 2 17.20 -9.52 -16.39
C VAL A 2 17.58 -8.13 -15.89
N GLN A 3 18.84 -7.97 -15.48
CA GLN A 3 19.32 -6.65 -15.09
C GLN A 3 20.76 -6.37 -15.50
N LEU A 4 21.10 -5.09 -15.51
CA LEU A 4 22.45 -4.65 -15.76
C LEU A 4 22.90 -3.83 -14.56
N VAL A 5 23.99 -4.24 -13.94
CA VAL A 5 24.49 -3.58 -12.75
C VAL A 5 25.85 -2.95 -13.03
N GLN A 6 25.94 -1.64 -12.83
CA GLN A 6 27.17 -0.92 -13.10
C GLN A 6 27.95 -0.62 -11.83
N SER A 7 29.22 -0.28 -11.99
CA SER A 7 30.10 -0.01 -10.86
C SER A 7 29.76 1.32 -10.18
N GLY A 8 30.41 1.59 -9.06
CA GLY A 8 30.13 2.77 -8.27
C GLY A 8 30.66 4.07 -8.85
N ALA A 9 30.24 5.18 -8.26
CA ALA A 9 30.62 6.51 -8.69
C ALA A 9 32.13 6.72 -8.68
N GLU A 10 32.62 7.57 -9.58
CA GLU A 10 34.06 7.80 -9.74
C GLU A 10 34.39 9.29 -9.72
N VAL A 11 35.58 9.60 -9.21
CA VAL A 11 36.11 10.95 -9.26
C VAL A 11 37.45 10.91 -9.95
N LYS A 12 37.64 11.75 -10.96
CA LYS A 12 38.90 11.78 -11.68
C LYS A 12 39.34 13.22 -11.93
N LYS A 13 40.66 13.42 -11.99
CA LYS A 13 41.24 14.69 -12.39
C LYS A 13 41.20 14.80 -13.89
N PRO A 14 41.16 16.03 -14.42
CA PRO A 14 41.23 16.23 -15.87
C PRO A 14 42.50 15.62 -16.45
N GLY A 15 42.39 14.94 -17.58
CA GLY A 15 43.54 14.32 -18.22
C GLY A 15 43.66 12.85 -17.84
N ALA A 16 43.08 12.49 -16.70
CA ALA A 16 43.09 11.09 -16.26
C ALA A 16 42.08 10.26 -17.05
N SER A 17 41.95 9.00 -16.69
CA SER A 17 40.99 8.12 -17.36
C SER A 17 40.08 7.47 -16.34
N VAL A 18 38.96 6.95 -16.82
CA VAL A 18 38.01 6.26 -15.96
C VAL A 18 37.52 5.01 -16.69
N LYS A 19 37.22 3.96 -15.92
CA LYS A 19 36.73 2.71 -16.48
C LYS A 19 35.50 2.23 -15.73
N VAL A 20 34.36 2.21 -16.41
CA VAL A 20 33.11 1.77 -15.81
C VAL A 20 32.78 0.36 -16.25
N SER A 21 32.29 -0.46 -15.33
CA SER A 21 31.92 -1.82 -15.65
C SER A 21 30.39 -1.98 -15.69
N CYS A 22 29.94 -3.01 -16.38
CA CYS A 22 28.52 -3.29 -16.53
C CYS A 22 28.29 -4.80 -16.53
N LYS A 23 27.86 -5.32 -15.39
CA LYS A 23 27.65 -6.76 -15.24
C LYS A 23 26.24 -7.18 -15.66
N ALA A 24 26.16 -8.10 -16.60
CA ALA A 24 24.88 -8.57 -17.12
C ALA A 24 24.46 -9.87 -16.43
N SER A 25 23.17 -10.01 -16.18
CA SER A 25 22.62 -11.21 -15.56
C SER A 25 21.18 -11.43 -15.97
N GLY A 26 20.80 -12.69 -16.18
CA GLY A 26 19.42 -13.03 -16.49
C GLY A 26 19.16 -13.39 -17.94
N TYR A 27 20.20 -13.27 -18.77
CA TYR A 27 20.07 -13.60 -20.19
C TYR A 27 21.42 -14.04 -20.77
N THR A 28 21.44 -14.32 -22.07
CA THR A 28 22.68 -14.73 -22.73
C THR A 28 23.48 -13.52 -23.17
N PHE A 29 24.55 -13.24 -22.44
CA PHE A 29 25.38 -12.04 -22.62
C PHE A 29 25.80 -11.77 -24.07
N THR A 30 26.21 -12.82 -24.77
CA THR A 30 26.70 -12.69 -26.13
C THR A 30 25.56 -12.50 -27.14
N GLY A 31 24.33 -12.56 -26.67
CA GLY A 31 23.17 -12.46 -27.55
C GLY A 31 22.79 -11.04 -27.93
N TYR A 32 23.19 -10.09 -27.10
CA TYR A 32 22.75 -8.70 -27.26
C TYR A 32 23.94 -7.75 -27.32
N TYR A 33 23.85 -6.75 -28.20
CA TYR A 33 24.82 -5.67 -28.20
C TYR A 33 24.81 -4.98 -26.84
N MET A 34 25.92 -4.35 -26.48
CA MET A 34 25.94 -3.54 -25.27
C MET A 34 26.35 -2.12 -25.64
N HIS A 35 25.45 -1.17 -25.40
CA HIS A 35 25.69 0.21 -25.73
C HIS A 35 26.07 1.00 -24.49
N TRP A 36 26.74 2.13 -24.71
CA TRP A 36 26.99 3.06 -23.62
C TRP A 36 26.38 4.41 -24.00
N VAL A 37 25.62 4.96 -23.06
CA VAL A 37 24.93 6.23 -23.23
C VAL A 37 25.20 7.08 -22.00
N ARG A 38 25.59 8.33 -22.20
CA ARG A 38 25.85 9.20 -21.07
C ARG A 38 24.87 10.36 -21.01
N GLN A 39 24.78 10.98 -19.84
CA GLN A 39 23.86 12.08 -19.62
C GLN A 39 24.45 13.08 -18.63
N ALA A 40 24.75 14.28 -19.11
CA ALA A 40 25.25 15.33 -18.24
C ALA A 40 24.09 15.83 -17.38
N PRO A 41 24.38 16.30 -16.16
CA PRO A 41 23.33 16.75 -15.24
C PRO A 41 22.37 17.75 -15.89
N GLY A 42 21.09 17.41 -15.88
CA GLY A 42 20.06 18.27 -16.45
C GLY A 42 20.04 18.33 -17.97
N GLN A 43 20.79 17.42 -18.61
CA GLN A 43 20.86 17.40 -20.07
C GLN A 43 20.26 16.13 -20.66
N GLY A 44 20.37 15.98 -21.98
CA GLY A 44 19.79 14.85 -22.68
C GLY A 44 20.70 13.64 -22.75
N LEU A 45 20.25 12.64 -23.49
CA LEU A 45 20.97 11.38 -23.64
C LEU A 45 21.90 11.42 -24.84
N GLU A 46 23.13 10.96 -24.65
CA GLU A 46 24.11 10.94 -25.74
C GLU A 46 24.74 9.56 -25.94
N TRP A 47 24.52 8.99 -27.11
CA TRP A 47 25.05 7.67 -27.45
C TRP A 47 26.56 7.71 -27.69
N MET A 48 27.30 6.79 -27.07
CA MET A 48 28.74 6.77 -27.17
C MET A 48 29.27 5.69 -28.12
N GLY A 49 28.52 4.60 -28.23
CA GLY A 49 28.95 3.49 -29.07
C GLY A 49 28.46 2.15 -28.57
N TRP A 50 28.77 1.09 -29.32
CA TRP A 50 28.43 -0.26 -28.87
C TRP A 50 29.57 -1.25 -29.01
N ILE A 51 29.45 -2.36 -28.28
CA ILE A 51 30.32 -3.50 -28.46
C ILE A 51 29.49 -4.76 -28.65
N ASN A 52 29.91 -5.60 -29.59
CA ASN A 52 29.34 -6.92 -29.76
C ASN A 52 30.05 -7.87 -28.82
N PRO A 53 29.39 -8.27 -27.71
CA PRO A 53 29.99 -9.11 -26.67
C PRO A 53 30.43 -10.47 -27.19
N ASN A 54 29.90 -10.89 -28.34
CA ASN A 54 30.27 -12.19 -28.87
C ASN A 54 31.55 -12.16 -29.70
N SER A 55 31.67 -11.18 -30.60
CA SER A 55 32.85 -11.05 -31.45
C SER A 55 33.90 -10.13 -30.84
N GLY A 56 33.44 -9.12 -30.11
CA GLY A 56 34.34 -8.14 -29.53
C GLY A 56 34.43 -6.89 -30.39
N GLY A 57 33.83 -6.94 -31.57
CA GLY A 57 33.78 -5.80 -32.47
C GLY A 57 33.10 -4.60 -31.82
N THR A 58 33.53 -3.40 -32.22
CA THR A 58 33.00 -2.17 -31.64
C THR A 58 32.64 -1.13 -32.70
N ASN A 59 31.78 -0.21 -32.30
CA ASN A 59 31.46 0.97 -33.10
C ASN A 59 31.35 2.18 -32.20
N TYR A 60 32.34 3.07 -32.24
CA TYR A 60 32.35 4.24 -31.38
C TYR A 60 31.76 5.44 -32.10
N ALA A 61 31.01 6.25 -31.37
CA ALA A 61 30.54 7.53 -31.90
C ALA A 61 31.74 8.40 -32.27
N GLN A 62 31.59 9.19 -33.33
CA GLN A 62 32.65 10.06 -33.84
C GLN A 62 33.29 10.90 -32.74
N LYS A 63 32.45 11.41 -31.85
CA LYS A 63 32.85 12.36 -30.82
C LYS A 63 33.84 11.76 -29.81
N PHE A 64 33.88 10.43 -29.72
CA PHE A 64 34.70 9.78 -28.70
C PHE A 64 35.82 8.90 -29.26
N GLN A 65 35.90 8.78 -30.59
CA GLN A 65 36.94 7.96 -31.20
C GLN A 65 38.34 8.45 -30.83
N GLY A 66 39.21 7.50 -30.50
CA GLY A 66 40.55 7.83 -30.06
C GLY A 66 40.61 8.13 -28.58
N ARG A 67 39.45 8.18 -27.94
CA ARG A 67 39.31 8.50 -26.52
C ARG A 67 38.61 7.39 -25.74
N VAL A 68 37.71 6.68 -26.42
CA VAL A 68 36.91 5.66 -25.75
C VAL A 68 37.36 4.25 -26.15
N THR A 69 37.31 3.34 -25.19
CA THR A 69 37.59 1.93 -25.45
C THR A 69 36.53 1.06 -24.80
N MET A 70 35.87 0.23 -25.61
CA MET A 70 34.87 -0.70 -25.10
C MET A 70 35.35 -2.14 -25.22
N THR A 71 35.36 -2.84 -24.09
CA THR A 71 35.80 -4.23 -24.05
C THR A 71 34.76 -5.08 -23.31
N ARG A 72 35.01 -6.38 -23.22
CA ARG A 72 34.12 -7.27 -22.47
C ARG A 72 34.84 -8.49 -21.92
N ASP A 73 34.26 -9.07 -20.87
CA ASP A 73 34.75 -10.31 -20.28
C ASP A 73 33.58 -11.30 -20.28
N THR A 74 33.57 -12.19 -21.26
CA THR A 74 32.47 -13.13 -21.44
C THR A 74 32.28 -14.04 -20.25
N SER A 75 33.38 -14.47 -19.65
CA SER A 75 33.34 -15.42 -18.53
C SER A 75 32.59 -14.89 -17.32
N ILE A 76 32.53 -13.58 -17.16
CA ILE A 76 31.78 -12.99 -16.07
C ILE A 76 30.67 -12.08 -16.59
N SER A 77 30.37 -12.20 -17.88
CA SER A 77 29.33 -11.43 -18.55
C SER A 77 29.35 -9.94 -18.19
N THR A 78 30.53 -9.34 -18.28
CA THR A 78 30.71 -7.94 -17.93
C THR A 78 31.27 -7.14 -19.10
N ALA A 79 30.65 -5.98 -19.36
CA ALA A 79 31.14 -5.06 -20.39
C ALA A 79 31.87 -3.91 -19.72
N TYR A 80 32.87 -3.36 -20.41
CA TYR A 80 33.67 -2.28 -19.85
C TYR A 80 33.73 -1.08 -20.79
N MET A 81 33.71 0.10 -20.21
CA MET A 81 33.89 1.32 -20.98
C MET A 81 34.97 2.18 -20.34
N GLU A 82 36.00 2.49 -21.10
CA GLU A 82 37.07 3.33 -20.60
C GLU A 82 37.17 4.62 -21.41
N LEU A 83 37.06 5.75 -20.72
CA LEU A 83 37.22 7.06 -21.35
C LEU A 83 38.50 7.69 -20.86
N SER A 84 39.38 8.08 -21.78
CA SER A 84 40.67 8.65 -21.42
C SER A 84 40.70 10.17 -21.62
N ARG A 85 41.76 10.80 -21.11
CA ARG A 85 41.97 12.24 -21.26
C ARG A 85 40.73 13.06 -20.91
N LEU A 86 40.19 12.76 -19.73
CA LEU A 86 38.92 13.33 -19.30
C LEU A 86 38.98 14.84 -19.17
N ARG A 87 37.91 15.52 -19.58
CA ARG A 87 37.76 16.94 -19.29
C ARG A 87 36.54 17.14 -18.40
N SER A 88 36.35 18.36 -17.91
CA SER A 88 35.26 18.63 -16.98
C SER A 88 33.88 18.39 -17.59
N ASP A 89 33.75 18.56 -18.90
CA ASP A 89 32.46 18.34 -19.55
C ASP A 89 32.20 16.86 -19.90
N ASP A 90 33.04 15.98 -19.36
CA ASP A 90 32.79 14.54 -19.40
C ASP A 90 32.03 14.13 -18.15
N THR A 91 31.86 15.09 -17.24
CA THR A 91 31.06 14.88 -16.04
C THR A 91 29.63 14.52 -16.45
N ALA A 92 29.22 13.31 -16.10
CA ALA A 92 27.91 12.80 -16.52
C ALA A 92 27.61 11.48 -15.83
N VAL A 93 26.36 11.03 -15.95
CA VAL A 93 26.00 9.67 -15.58
C VAL A 93 26.21 8.79 -16.81
N TYR A 94 26.90 7.67 -16.64
CA TYR A 94 27.18 6.76 -17.75
C TYR A 94 26.35 5.49 -17.65
N TYR A 95 25.45 5.28 -18.61
CA TYR A 95 24.60 4.10 -18.63
C TYR A 95 25.13 3.05 -19.60
N CYS A 96 24.92 1.79 -19.27
CA CYS A 96 25.05 0.72 -20.25
C CYS A 96 23.65 0.26 -20.61
N ALA A 97 23.46 -0.18 -21.85
CA ALA A 97 22.15 -0.61 -22.31
C ALA A 97 22.30 -1.62 -23.44
N ARG A 98 21.49 -2.67 -23.40
CA ARG A 98 21.56 -3.71 -24.41
C ARG A 98 20.52 -3.53 -25.51
N SER A 99 20.84 -4.04 -26.69
CA SER A 99 19.91 -4.09 -27.81
C SER A 99 20.01 -5.46 -28.44
N PRO A 100 18.88 -5.98 -28.96
CA PRO A 100 18.86 -7.34 -29.52
C PRO A 100 19.72 -7.48 -30.79
N ASN A 101 20.38 -8.62 -30.91
CA ASN A 101 21.11 -8.97 -32.11
C ASN A 101 20.65 -10.34 -32.59
N PRO A 102 19.57 -10.39 -33.37
CA PRO A 102 19.01 -11.66 -33.84
C PRO A 102 20.01 -12.44 -34.68
N TYR A 103 21.00 -11.73 -35.22
CA TYR A 103 22.03 -12.34 -36.06
C TYR A 103 23.27 -12.67 -35.24
N TYR A 104 23.07 -13.18 -34.03
CA TYR A 104 24.18 -13.64 -33.19
C TYR A 104 24.29 -15.16 -33.23
N TYR A 105 25.34 -15.67 -33.86
CA TYR A 105 26.25 -14.86 -34.67
C TYR A 105 26.53 -15.64 -35.95
N ASP A 106 25.53 -15.68 -36.83
CA ASP A 106 25.68 -16.38 -38.10
C ASP A 106 25.84 -15.36 -39.22
N SER A 107 26.39 -14.20 -38.86
CA SER A 107 26.53 -13.10 -39.81
C SER A 107 27.61 -12.13 -39.35
N SER A 108 28.06 -11.29 -40.27
CA SER A 108 29.03 -10.24 -39.96
C SER A 108 29.02 -9.17 -41.05
N GLY A 109 29.44 -7.97 -40.69
CA GLY A 109 29.43 -6.86 -41.62
C GLY A 109 28.08 -6.17 -41.68
N TYR A 110 27.19 -6.54 -40.76
CA TYR A 110 25.85 -5.94 -40.72
C TYR A 110 25.37 -5.69 -39.29
N TYR A 111 24.98 -4.45 -39.00
CA TYR A 111 24.42 -4.11 -37.70
C TYR A 111 22.88 -4.05 -37.71
N TYR A 112 22.25 -4.80 -36.82
CA TYR A 112 20.79 -4.73 -36.64
C TYR A 112 20.41 -3.62 -35.67
N PRO A 113 19.72 -2.59 -36.16
CA PRO A 113 19.38 -1.37 -35.39
C PRO A 113 18.24 -1.59 -34.41
N GLY A 114 18.49 -2.30 -33.32
CA GLY A 114 17.46 -2.58 -32.35
C GLY A 114 17.31 -1.47 -31.30
N ALA A 115 16.23 -1.55 -30.52
CA ALA A 115 15.98 -0.60 -29.45
C ALA A 115 16.72 -1.01 -28.18
N PHE A 116 16.97 -0.04 -27.30
CA PHE A 116 17.67 -0.29 -26.04
C PHE A 116 16.64 -0.71 -24.99
N ASP A 117 16.33 -2.00 -24.90
CA ASP A 117 15.23 -2.46 -24.07
C ASP A 117 15.53 -2.61 -22.57
N ILE A 118 16.80 -2.74 -22.22
CA ILE A 118 17.21 -2.84 -20.82
C ILE A 118 18.41 -1.93 -20.55
N TRP A 119 18.33 -1.16 -19.46
CA TRP A 119 19.38 -0.20 -19.11
C TRP A 119 19.93 -0.47 -17.71
N GLY A 120 21.22 -0.19 -17.51
CA GLY A 120 21.84 -0.27 -16.19
C GLY A 120 21.39 0.90 -15.33
N GLN A 121 21.72 0.88 -14.04
CA GLN A 121 21.28 1.94 -13.13
C GLN A 121 22.02 3.25 -13.36
N GLY A 122 23.17 3.18 -14.03
CA GLY A 122 23.95 4.37 -14.31
C GLY A 122 25.09 4.57 -13.33
N THR A 123 26.18 5.16 -13.81
CA THR A 123 27.35 5.46 -12.98
C THR A 123 27.71 6.92 -13.10
N MET A 124 27.72 7.63 -11.97
CA MET A 124 28.08 9.05 -11.98
C MET A 124 29.59 9.21 -12.04
N VAL A 125 30.05 10.00 -13.00
CA VAL A 125 31.49 10.27 -13.14
C VAL A 125 31.72 11.77 -13.12
N THR A 126 32.48 12.22 -12.14
CA THR A 126 32.80 13.63 -12.03
C THR A 126 34.25 13.87 -12.40
N VAL A 127 34.48 14.84 -13.27
CA VAL A 127 35.83 15.21 -13.65
C VAL A 127 36.14 16.61 -13.19
N SER A 128 37.01 16.73 -12.20
CA SER A 128 37.34 18.01 -11.60
C SER A 128 38.71 17.98 -10.94
N SER A 129 39.36 19.15 -10.91
CA SER A 129 40.65 19.28 -10.24
C SER A 129 40.47 19.40 -8.72
N ALA A 130 39.24 19.66 -8.30
CA ALA A 130 38.92 19.83 -6.89
C ALA A 130 39.19 18.57 -6.07
N SER A 131 39.44 18.75 -4.78
CA SER A 131 39.76 17.65 -3.89
C SER A 131 38.49 16.98 -3.39
N THR A 132 38.55 15.67 -3.19
CA THR A 132 37.43 14.93 -2.63
C THR A 132 37.28 15.33 -1.16
N LYS A 133 36.05 15.63 -0.76
CA LYS A 133 35.80 16.09 0.60
C LYS A 133 34.50 15.52 1.17
N GLY A 134 34.59 14.95 2.37
CA GLY A 134 33.42 14.45 3.06
C GLY A 134 32.57 15.59 3.59
N PRO A 135 31.28 15.34 3.78
CA PRO A 135 30.35 16.41 4.19
C PRO A 135 30.29 16.62 5.69
N SER A 136 29.93 17.83 6.09
CA SER A 136 29.53 18.08 7.47
C SER A 136 28.03 17.91 7.51
N VAL A 137 27.53 17.22 8.53
CA VAL A 137 26.10 17.01 8.65
C VAL A 137 25.54 17.77 9.86
N PHE A 138 24.59 18.66 9.59
CA PHE A 138 23.98 19.44 10.66
C PHE A 138 22.48 19.17 10.70
N PRO A 139 21.92 19.07 11.92
CA PRO A 139 20.50 18.78 12.08
C PRO A 139 19.63 19.97 11.71
N LEU A 140 18.43 19.69 11.20
CA LEU A 140 17.43 20.72 10.99
C LEU A 140 16.34 20.49 12.02
N ALA A 141 16.53 21.06 13.21
CA ALA A 141 15.69 20.79 14.37
C ALA A 141 14.23 21.18 14.15
N PRO A 142 13.30 20.28 14.54
CA PRO A 142 11.86 20.56 14.49
C PRO A 142 11.46 21.48 15.64
N SER A 143 10.54 22.39 15.37
CA SER A 143 10.06 23.33 16.38
C SER A 143 8.62 23.74 16.07
N SER A 144 8.14 24.76 16.75
CA SER A 144 6.80 25.28 16.48
C SER A 144 6.78 25.97 15.12
N LYS A 145 7.93 26.46 14.70
CA LYS A 145 8.09 27.11 13.41
C LYS A 145 8.14 26.09 12.27
N SER A 146 8.08 24.80 12.63
CA SER A 146 8.07 23.74 11.64
C SER A 146 6.94 22.73 11.88
N THR A 147 5.81 23.22 12.38
CA THR A 147 4.63 22.37 12.63
C THR A 147 3.39 22.92 11.95
N SER A 148 2.51 22.03 11.51
CA SER A 148 1.27 22.45 10.86
C SER A 148 0.15 21.42 10.99
N GLY A 149 -0.82 21.72 11.87
CA GLY A 149 -2.02 20.93 11.99
C GLY A 149 -1.83 19.48 12.41
N GLY A 150 -0.76 19.23 13.16
CA GLY A 150 -0.52 17.89 13.67
C GLY A 150 0.68 17.19 13.05
N THR A 151 1.34 17.85 12.12
CA THR A 151 2.56 17.30 11.50
C THR A 151 3.74 18.24 11.63
N ALA A 152 4.93 17.67 11.83
CA ALA A 152 6.14 18.45 12.04
C ALA A 152 7.22 18.10 11.03
N ALA A 153 8.00 19.09 10.63
CA ALA A 153 9.09 18.88 9.68
C ALA A 153 10.45 18.95 10.36
N LEU A 154 11.32 18.00 10.01
CA LEU A 154 12.69 18.00 10.50
C LEU A 154 13.58 17.45 9.39
N GLY A 155 14.90 17.50 9.60
CA GLY A 155 15.80 17.03 8.57
C GLY A 155 17.28 17.21 8.84
N CYS A 156 18.08 16.97 7.80
CA CYS A 156 19.52 17.09 7.89
C CYS A 156 20.08 17.93 6.75
N LEU A 157 21.04 18.80 7.08
CA LEU A 157 21.74 19.57 6.08
C LEU A 157 23.08 18.93 5.82
N VAL A 158 23.27 18.43 4.59
CA VAL A 158 24.51 17.77 4.20
C VAL A 158 25.36 18.76 3.42
N LYS A 159 26.32 19.39 4.10
CA LYS A 159 26.96 20.58 3.56
C LYS A 159 28.45 20.41 3.24
N ASP A 160 28.88 21.10 2.18
CA ASP A 160 30.29 21.25 1.83
C ASP A 160 30.99 19.94 1.53
N TYR A 161 30.47 19.19 0.56
CA TYR A 161 31.10 17.95 0.13
C TYR A 161 31.41 17.97 -1.36
N PHE A 162 32.26 17.04 -1.78
CA PHE A 162 32.65 16.89 -3.18
C PHE A 162 33.29 15.51 -3.37
N PRO A 163 32.89 14.79 -4.42
CA PRO A 163 31.86 15.20 -5.38
C PRO A 163 30.53 14.53 -5.09
N GLU A 164 29.58 14.71 -6.00
CA GLU A 164 28.33 13.96 -6.01
C GLU A 164 28.70 12.49 -6.20
N PRO A 165 27.93 11.57 -5.63
CA PRO A 165 26.73 11.76 -4.81
C PRO A 165 26.89 11.36 -3.35
N VAL A 166 25.89 11.74 -2.55
CA VAL A 166 25.74 11.23 -1.20
C VAL A 166 24.43 10.47 -1.14
N THR A 167 24.34 9.52 -0.22
CA THR A 167 23.08 8.84 0.02
C THR A 167 22.60 9.21 1.42
N VAL A 168 21.32 9.54 1.53
CA VAL A 168 20.74 9.88 2.82
C VAL A 168 19.56 8.97 3.11
N SER A 169 19.59 8.35 4.28
CA SER A 169 18.47 7.57 4.75
C SER A 169 18.08 8.02 6.15
N TRP A 170 16.93 7.56 6.63
CA TRP A 170 16.45 7.94 7.96
C TRP A 170 16.19 6.73 8.84
N ASN A 171 16.77 6.76 10.03
CA ASN A 171 16.66 5.66 10.98
C ASN A 171 17.11 4.32 10.38
N SER A 172 18.26 4.36 9.71
CA SER A 172 18.85 3.20 9.08
C SER A 172 17.94 2.55 8.04
N GLY A 173 17.06 3.35 7.45
CA GLY A 173 16.19 2.89 6.39
C GLY A 173 14.78 2.57 6.82
N ALA A 174 14.54 2.59 8.13
CA ALA A 174 13.22 2.27 8.68
C ALA A 174 12.18 3.30 8.27
N LEU A 175 12.58 4.56 8.22
CA LEU A 175 11.68 5.66 7.88
C LEU A 175 11.82 6.05 6.41
N THR A 176 10.77 5.84 5.63
CA THR A 176 10.81 6.13 4.20
C THR A 176 9.71 7.08 3.74
N SER A 177 8.52 6.96 4.32
CA SER A 177 7.40 7.81 3.93
C SER A 177 7.59 9.25 4.40
N GLY A 178 7.14 10.20 3.57
CA GLY A 178 7.23 11.61 3.91
C GLY A 178 8.62 12.20 3.85
N VAL A 179 9.53 11.54 3.14
CA VAL A 179 10.91 12.02 3.01
C VAL A 179 11.11 12.77 1.70
N HIS A 180 11.71 13.95 1.79
CA HIS A 180 12.12 14.70 0.60
C HIS A 180 13.61 14.97 0.65
N THR A 181 14.35 14.34 -0.26
CA THR A 181 15.77 14.63 -0.39
C THR A 181 15.99 15.46 -1.64
N PHE A 182 16.45 16.70 -1.44
CA PHE A 182 16.51 17.67 -2.52
C PHE A 182 17.76 17.49 -3.37
N PRO A 183 17.68 17.90 -4.64
CA PRO A 183 18.87 17.94 -5.51
C PRO A 183 19.93 18.83 -4.89
N ALA A 184 21.18 18.39 -4.93
CA ALA A 184 22.28 19.17 -4.41
C ALA A 184 22.49 20.41 -5.26
N VAL A 185 22.89 21.51 -4.61
CA VAL A 185 23.27 22.72 -5.32
C VAL A 185 24.77 22.95 -5.17
N LEU A 186 25.38 23.50 -6.22
CA LEU A 186 26.82 23.76 -6.20
C LEU A 186 27.07 25.19 -5.70
N GLN A 187 27.75 25.30 -4.56
CA GLN A 187 27.99 26.59 -3.93
C GLN A 187 29.13 27.34 -4.61
N SER A 188 29.28 28.62 -4.28
CA SER A 188 30.35 29.44 -4.84
C SER A 188 31.72 28.95 -4.39
N SER A 189 31.75 28.13 -3.35
CA SER A 189 32.99 27.54 -2.87
C SER A 189 33.43 26.34 -3.71
N GLY A 190 32.54 25.89 -4.60
CA GLY A 190 32.81 24.74 -5.44
C GLY A 190 32.46 23.43 -4.77
N LEU A 191 31.80 23.53 -3.62
CA LEU A 191 31.39 22.36 -2.85
C LEU A 191 29.88 22.21 -2.94
N TYR A 192 29.40 20.97 -2.92
CA TYR A 192 27.96 20.68 -2.98
C TYR A 192 27.31 20.84 -1.62
N SER A 193 26.02 21.15 -1.64
CA SER A 193 25.23 21.17 -0.42
C SER A 193 23.84 20.63 -0.71
N LEU A 194 23.29 19.91 0.25
CA LEU A 194 22.03 19.22 0.06
C LEU A 194 21.26 19.16 1.37
N SER A 195 19.94 19.13 1.28
CA SER A 195 19.11 18.93 2.46
C SER A 195 18.15 17.77 2.27
N SER A 196 17.92 17.03 3.34
CA SER A 196 16.91 15.98 3.32
C SER A 196 15.94 16.24 4.46
N VAL A 197 14.65 16.30 4.15
CA VAL A 197 13.64 16.58 5.17
C VAL A 197 12.59 15.47 5.27
N VAL A 198 11.98 15.36 6.44
CA VAL A 198 10.92 14.38 6.68
C VAL A 198 9.78 14.97 7.51
N THR A 199 8.56 14.83 7.00
CA THR A 199 7.37 15.32 7.69
C THR A 199 6.73 14.23 8.53
N VAL A 200 6.74 14.43 9.85
CA VAL A 200 6.26 13.43 10.81
C VAL A 200 5.17 14.01 11.72
N PRO A 201 4.34 13.14 12.32
CA PRO A 201 3.34 13.61 13.29
C PRO A 201 4.00 14.24 14.52
N SER A 202 3.50 15.42 14.90
CA SER A 202 4.09 16.21 15.98
C SER A 202 3.93 15.56 17.36
N SER A 203 2.96 14.67 17.49
CA SER A 203 2.70 13.99 18.76
C SER A 203 3.83 13.02 19.14
N SER A 204 4.60 12.61 18.14
CA SER A 204 5.66 11.63 18.34
C SER A 204 7.03 12.27 18.57
N LEU A 205 7.09 13.59 18.49
CA LEU A 205 8.37 14.30 18.57
C LEU A 205 9.05 14.12 19.93
N GLY A 206 8.29 13.71 20.93
CA GLY A 206 8.86 13.46 22.25
C GLY A 206 9.17 12.00 22.47
N THR A 207 8.45 11.13 21.76
CA THR A 207 8.56 9.70 22.00
C THR A 207 9.14 8.91 20.82
N GLN A 208 9.86 9.60 19.95
CA GLN A 208 10.48 8.94 18.79
C GLN A 208 11.79 9.59 18.40
N THR A 209 12.82 8.77 18.19
CA THR A 209 14.14 9.28 17.83
C THR A 209 14.37 9.27 16.32
N TYR A 210 14.92 10.36 15.82
CA TYR A 210 15.17 10.51 14.39
C TYR A 210 16.64 10.77 14.11
N ILE A 211 17.25 9.88 13.33
CA ILE A 211 18.64 10.00 12.94
C ILE A 211 18.75 9.91 11.43
N CYS A 212 19.47 10.83 10.81
CA CYS A 212 19.73 10.74 9.38
C CYS A 212 21.06 10.03 9.15
N ASN A 213 21.07 9.10 8.21
CA ASN A 213 22.29 8.37 7.90
C ASN A 213 22.87 8.83 6.57
N VAL A 214 24.03 9.46 6.64
CA VAL A 214 24.66 10.02 5.44
C VAL A 214 25.87 9.19 5.05
N ASN A 215 25.91 8.76 3.80
CA ASN A 215 27.03 7.97 3.30
C ASN A 215 27.64 8.60 2.05
N HIS A 216 28.83 9.15 2.20
CA HIS A 216 29.56 9.72 1.06
C HIS A 216 30.75 8.82 0.72
N LYS A 217 30.48 7.81 -0.09
CA LYS A 217 31.48 6.80 -0.45
C LYS A 217 32.78 7.31 -1.11
N PRO A 218 32.71 8.31 -2.01
CA PRO A 218 33.96 8.79 -2.63
C PRO A 218 35.02 9.26 -1.64
N SER A 219 34.63 9.60 -0.42
CA SER A 219 35.59 10.02 0.60
C SER A 219 35.59 9.07 1.79
N ASN A 220 34.87 7.96 1.64
CA ASN A 220 34.69 6.97 2.71
C ASN A 220 34.17 7.61 3.99
N THR A 221 33.23 8.54 3.84
CA THR A 221 32.67 9.25 4.98
C THR A 221 31.28 8.74 5.30
N LYS A 222 31.12 8.23 6.53
CA LYS A 222 29.83 7.77 7.01
C LYS A 222 29.49 8.51 8.30
N VAL A 223 28.38 9.26 8.28
CA VAL A 223 27.99 10.06 9.44
C VAL A 223 26.55 9.80 9.83
N ASP A 224 26.33 9.54 11.12
CA ASP A 224 24.99 9.45 11.69
C ASP A 224 24.75 10.66 12.58
N LYS A 225 23.67 11.39 12.31
CA LYS A 225 23.35 12.57 13.10
C LYS A 225 21.95 12.51 13.70
N LYS A 226 21.88 12.57 15.03
CA LYS A 226 20.62 12.55 15.75
C LYS A 226 19.95 13.92 15.67
N VAL A 227 18.69 13.95 15.24
CA VAL A 227 17.96 15.21 15.09
C VAL A 227 16.99 15.42 16.25
N GLU A 228 17.30 16.38 17.11
CA GLU A 228 16.53 16.61 18.32
C GLU A 228 15.84 17.98 18.30
N PRO A 229 14.61 18.04 18.83
CA PRO A 229 13.85 19.30 18.91
C PRO A 229 14.48 20.30 19.87
N GLN B 1 -21.75 11.37 11.94
CA GLN B 1 -23.04 10.77 11.60
C GLN B 1 -23.07 10.30 10.15
N VAL B 2 -21.90 10.05 9.58
CA VAL B 2 -21.78 9.57 8.21
C VAL B 2 -21.90 8.05 8.18
N GLN B 3 -22.85 7.53 7.40
CA GLN B 3 -23.12 6.09 7.40
C GLN B 3 -23.77 5.59 6.11
N LEU B 4 -23.62 4.30 5.85
CA LEU B 4 -24.27 3.63 4.73
C LEU B 4 -25.07 2.44 5.26
N VAL B 5 -26.35 2.39 4.96
CA VAL B 5 -27.19 1.30 5.43
C VAL B 5 -27.77 0.50 4.27
N GLN B 6 -27.54 -0.81 4.29
CA GLN B 6 -27.97 -1.67 3.19
C GLN B 6 -29.23 -2.44 3.54
N SER B 7 -29.86 -3.02 2.51
CA SER B 7 -31.10 -3.78 2.68
C SER B 7 -30.84 -5.10 3.39
N GLY B 8 -31.92 -5.78 3.77
CA GLY B 8 -31.84 -6.98 4.58
C GLY B 8 -31.38 -8.22 3.83
N ALA B 9 -30.97 -9.24 4.59
CA ALA B 9 -30.49 -10.51 4.03
C ALA B 9 -31.52 -11.17 3.12
N GLU B 10 -31.05 -11.86 2.09
CA GLU B 10 -31.93 -12.41 1.07
C GLU B 10 -31.60 -13.86 0.72
N VAL B 11 -32.63 -14.61 0.34
CA VAL B 11 -32.45 -15.93 -0.27
C VAL B 11 -33.07 -15.89 -1.66
N LYS B 12 -32.33 -16.35 -2.65
CA LYS B 12 -32.83 -16.36 -4.01
C LYS B 12 -32.55 -17.71 -4.67
N LYS B 13 -33.47 -18.16 -5.51
CA LYS B 13 -33.31 -19.41 -6.23
C LYS B 13 -32.30 -19.24 -7.36
N PRO B 14 -31.54 -20.30 -7.68
CA PRO B 14 -30.60 -20.26 -8.80
C PRO B 14 -31.29 -19.87 -10.09
N GLY B 15 -30.83 -18.79 -10.71
CA GLY B 15 -31.42 -18.31 -11.94
C GLY B 15 -32.16 -17.00 -11.76
N ALA B 16 -32.53 -16.70 -10.52
CA ALA B 16 -33.23 -15.47 -10.21
C ALA B 16 -32.27 -14.28 -10.16
N SER B 17 -32.77 -13.14 -9.70
CA SER B 17 -31.93 -11.95 -9.57
C SER B 17 -32.20 -11.26 -8.24
N VAL B 18 -31.16 -10.68 -7.66
CA VAL B 18 -31.28 -9.96 -6.40
C VAL B 18 -31.05 -8.46 -6.62
N LYS B 19 -31.74 -7.63 -5.85
CA LYS B 19 -31.56 -6.18 -5.91
C LYS B 19 -31.25 -5.65 -4.51
N VAL B 20 -30.00 -5.29 -4.29
CA VAL B 20 -29.56 -4.82 -2.97
C VAL B 20 -29.56 -3.29 -2.90
N SER B 21 -30.09 -2.76 -1.81
CA SER B 21 -30.19 -1.32 -1.62
C SER B 21 -29.07 -0.80 -0.72
N CYS B 22 -28.75 0.48 -0.86
CA CYS B 22 -27.72 1.11 -0.05
C CYS B 22 -28.03 2.59 0.16
N LYS B 23 -28.45 2.94 1.37
CA LYS B 23 -28.87 4.31 1.67
C LYS B 23 -27.77 5.07 2.39
N ALA B 24 -27.47 6.27 1.92
CA ALA B 24 -26.40 7.10 2.47
C ALA B 24 -26.94 8.29 3.25
N SER B 25 -26.30 8.60 4.38
CA SER B 25 -26.67 9.75 5.18
C SER B 25 -25.45 10.42 5.80
N GLY B 26 -25.54 11.72 6.04
CA GLY B 26 -24.47 12.46 6.71
C GLY B 26 -23.48 13.09 5.75
N TYR B 27 -23.73 12.98 4.45
CA TYR B 27 -22.85 13.60 3.45
C TYR B 27 -23.57 13.78 2.12
N THR B 28 -22.94 14.54 1.23
CA THR B 28 -23.49 14.79 -0.11
C THR B 28 -23.34 13.55 -0.99
N PHE B 29 -24.46 12.91 -1.28
CA PHE B 29 -24.51 11.65 -2.02
C PHE B 29 -23.78 11.69 -3.36
N THR B 30 -23.88 12.81 -4.06
CA THR B 30 -23.34 12.92 -5.41
C THR B 30 -21.85 13.25 -5.47
N GLY B 31 -21.25 13.56 -4.32
CA GLY B 31 -19.86 13.95 -4.24
C GLY B 31 -18.90 12.78 -4.12
N TYR B 32 -19.45 11.58 -3.95
CA TYR B 32 -18.63 10.37 -3.78
C TYR B 32 -19.11 9.25 -4.69
N TYR B 33 -18.16 8.51 -5.27
CA TYR B 33 -18.50 7.31 -6.03
C TYR B 33 -19.11 6.29 -5.08
N MET B 34 -19.91 5.39 -5.62
CA MET B 34 -20.41 4.27 -4.83
C MET B 34 -19.92 2.97 -5.43
N HIS B 35 -19.23 2.16 -4.63
CA HIS B 35 -18.71 0.89 -5.09
C HIS B 35 -19.48 -0.27 -4.51
N TRP B 36 -19.41 -1.42 -5.17
CA TRP B 36 -19.96 -2.65 -4.61
C TRP B 36 -18.88 -3.73 -4.54
N VAL B 37 -18.68 -4.25 -3.34
CA VAL B 37 -17.67 -5.27 -3.08
C VAL B 37 -18.35 -6.45 -2.40
N ARG B 38 -18.11 -7.65 -2.91
CA ARG B 38 -18.73 -8.84 -2.34
C ARG B 38 -17.69 -9.75 -1.72
N GLN B 39 -18.11 -10.55 -0.74
CA GLN B 39 -17.22 -11.44 -0.02
C GLN B 39 -17.90 -12.75 0.31
N ALA B 40 -17.50 -13.81 -0.40
CA ALA B 40 -18.01 -15.15 -0.14
C ALA B 40 -17.51 -15.59 1.23
N PRO B 41 -18.31 -16.43 1.93
CA PRO B 41 -17.97 -16.91 3.28
C PRO B 41 -16.53 -17.44 3.37
N GLY B 42 -15.75 -16.82 4.26
CA GLY B 42 -14.38 -17.24 4.48
C GLY B 42 -13.41 -16.86 3.37
N GLN B 43 -13.90 -16.16 2.36
CA GLN B 43 -13.04 -15.74 1.25
C GLN B 43 -12.71 -14.25 1.28
N GLY B 44 -12.03 -13.78 0.25
CA GLY B 44 -11.54 -12.41 0.21
C GLY B 44 -12.52 -11.42 -0.37
N LEU B 45 -12.08 -10.16 -0.47
CA LEU B 45 -12.89 -9.09 -1.02
C LEU B 45 -12.76 -9.01 -2.53
N GLU B 46 -13.90 -8.92 -3.22
CA GLU B 46 -13.91 -8.82 -4.66
C GLU B 46 -14.73 -7.62 -5.14
N TRP B 47 -14.07 -6.68 -5.79
CA TRP B 47 -14.72 -5.48 -6.30
C TRP B 47 -15.57 -5.80 -7.52
N MET B 48 -16.80 -5.29 -7.54
CA MET B 48 -17.74 -5.61 -8.62
C MET B 48 -17.85 -4.49 -9.64
N GLY B 49 -17.81 -3.25 -9.18
CA GLY B 49 -17.96 -2.10 -10.04
C GLY B 49 -18.33 -0.86 -9.26
N TRP B 50 -18.41 0.29 -9.96
CA TRP B 50 -18.84 1.52 -9.30
C TRP B 50 -19.84 2.33 -10.12
N ILE B 51 -20.44 3.32 -9.44
CA ILE B 51 -21.31 4.29 -10.10
C ILE B 51 -20.97 5.70 -9.65
N ASN B 52 -21.21 6.66 -10.54
CA ASN B 52 -21.07 8.06 -10.21
C ASN B 52 -22.46 8.64 -9.97
N PRO B 53 -22.85 8.79 -8.69
CA PRO B 53 -24.18 9.25 -8.29
C PRO B 53 -24.52 10.62 -8.88
N ASN B 54 -23.51 11.39 -9.25
CA ASN B 54 -23.74 12.70 -9.84
C ASN B 54 -24.21 12.61 -11.29
N SER B 55 -23.58 11.74 -12.07
CA SER B 55 -23.89 11.62 -13.50
C SER B 55 -24.66 10.35 -13.82
N GLY B 56 -24.51 9.32 -12.99
CA GLY B 56 -25.15 8.05 -13.23
C GLY B 56 -24.31 7.12 -14.09
N GLY B 57 -23.05 7.49 -14.29
CA GLY B 57 -22.14 6.68 -15.08
C GLY B 57 -21.67 5.46 -14.33
N THR B 58 -21.41 4.38 -15.06
CA THR B 58 -21.03 3.12 -14.43
C THR B 58 -19.74 2.53 -14.99
N ASN B 59 -19.09 1.71 -14.16
CA ASN B 59 -17.94 0.93 -14.58
C ASN B 59 -17.97 -0.40 -13.83
N TYR B 60 -18.03 -1.49 -14.58
CA TYR B 60 -18.13 -2.82 -13.98
C TYR B 60 -16.85 -3.62 -14.19
N ALA B 61 -16.67 -4.66 -13.39
CA ALA B 61 -15.57 -5.59 -13.58
C ALA B 61 -15.92 -6.51 -14.75
N GLN B 62 -14.89 -7.01 -15.43
CA GLN B 62 -15.07 -7.88 -16.59
C GLN B 62 -15.81 -9.16 -16.23
N LYS B 63 -15.75 -9.52 -14.96
CA LYS B 63 -16.37 -10.74 -14.45
C LYS B 63 -17.91 -10.64 -14.43
N PHE B 64 -18.43 -9.45 -14.22
CA PHE B 64 -19.87 -9.27 -14.05
C PHE B 64 -20.52 -8.42 -15.14
N GLN B 65 -19.76 -8.10 -16.19
CA GLN B 65 -20.20 -7.16 -17.23
C GLN B 65 -21.64 -7.32 -17.71
N GLY B 66 -22.02 -8.55 -18.04
CA GLY B 66 -23.35 -8.81 -18.56
C GLY B 66 -24.43 -9.09 -17.52
N ARG B 67 -24.01 -9.31 -16.27
CA ARG B 67 -24.95 -9.73 -15.24
C ARG B 67 -25.38 -8.61 -14.28
N VAL B 68 -24.50 -7.64 -14.06
CA VAL B 68 -24.75 -6.62 -13.04
C VAL B 68 -25.29 -5.31 -13.61
N THR B 69 -26.22 -4.69 -12.88
CA THR B 69 -26.77 -3.39 -13.24
C THR B 69 -26.87 -2.50 -12.02
N MET B 70 -25.94 -1.56 -11.88
CA MET B 70 -25.91 -0.64 -10.75
C MET B 70 -26.58 0.69 -11.10
N THR B 71 -27.49 1.15 -10.23
CA THR B 71 -28.24 2.38 -10.46
C THR B 71 -28.22 3.29 -9.24
N ARG B 72 -28.80 4.47 -9.37
CA ARG B 72 -28.84 5.44 -8.27
C ARG B 72 -30.13 6.25 -8.23
N ASP B 73 -30.58 6.58 -7.03
CA ASP B 73 -31.75 7.46 -6.84
C ASP B 73 -31.36 8.65 -5.96
N THR B 74 -31.06 9.77 -6.60
CA THR B 74 -30.53 10.95 -5.92
C THR B 74 -31.43 11.53 -4.84
N SER B 75 -32.73 11.58 -5.10
CA SER B 75 -33.68 12.23 -4.18
C SER B 75 -33.75 11.56 -2.81
N ILE B 76 -33.39 10.28 -2.73
CA ILE B 76 -33.40 9.56 -1.46
C ILE B 76 -32.00 9.09 -1.05
N SER B 77 -30.98 9.58 -1.76
CA SER B 77 -29.58 9.23 -1.49
C SER B 77 -29.37 7.72 -1.39
N THR B 78 -29.78 6.99 -2.43
CA THR B 78 -29.75 5.54 -2.38
C THR B 78 -29.14 4.93 -3.64
N ALA B 79 -28.20 4.01 -3.46
CA ALA B 79 -27.63 3.26 -4.57
C ALA B 79 -28.23 1.87 -4.62
N TYR B 80 -28.35 1.32 -5.83
CA TYR B 80 -28.92 -0.01 -6.01
C TYR B 80 -27.97 -0.88 -6.81
N MET B 81 -28.07 -2.19 -6.62
CA MET B 81 -27.23 -3.13 -7.35
C MET B 81 -27.99 -4.41 -7.63
N GLU B 82 -28.15 -4.73 -8.91
CA GLU B 82 -28.93 -5.88 -9.34
C GLU B 82 -28.07 -6.89 -10.08
N LEU B 83 -27.98 -8.10 -9.52
CA LEU B 83 -27.23 -9.19 -10.14
C LEU B 83 -28.16 -10.26 -10.68
N SER B 84 -28.17 -10.45 -12.00
CA SER B 84 -29.05 -11.41 -12.64
C SER B 84 -28.35 -12.75 -12.90
N ARG B 85 -29.14 -13.75 -13.27
CA ARG B 85 -28.64 -15.10 -13.55
C ARG B 85 -27.82 -15.67 -12.40
N LEU B 86 -28.39 -15.62 -11.20
CA LEU B 86 -27.69 -16.04 -9.98
C LEU B 86 -27.35 -17.53 -9.98
N ARG B 87 -26.11 -17.83 -9.62
CA ARG B 87 -25.67 -19.21 -9.41
C ARG B 87 -25.27 -19.39 -7.95
N SER B 88 -24.97 -20.63 -7.56
CA SER B 88 -24.66 -20.93 -6.16
C SER B 88 -23.43 -20.18 -5.64
N ASP B 89 -22.45 -19.97 -6.50
CA ASP B 89 -21.22 -19.32 -6.10
C ASP B 89 -21.33 -17.80 -6.07
N ASP B 90 -22.55 -17.30 -6.23
CA ASP B 90 -22.84 -15.88 -6.03
C ASP B 90 -23.23 -15.63 -4.58
N THR B 91 -23.23 -16.70 -3.78
CA THR B 91 -23.54 -16.60 -2.37
C THR B 91 -22.42 -15.86 -1.65
N ALA B 92 -22.76 -14.70 -1.09
CA ALA B 92 -21.77 -13.84 -0.44
C ALA B 92 -22.42 -12.71 0.35
N VAL B 93 -21.60 -12.00 1.12
CA VAL B 93 -22.03 -10.74 1.72
C VAL B 93 -21.71 -9.63 0.75
N TYR B 94 -22.70 -8.82 0.42
CA TYR B 94 -22.53 -7.74 -0.55
C TYR B 94 -22.43 -6.39 0.13
N TYR B 95 -21.27 -5.75 -0.02
CA TYR B 95 -21.01 -4.44 0.58
C TYR B 95 -21.12 -3.32 -0.43
N CYS B 96 -21.65 -2.18 0.02
CA CYS B 96 -21.50 -0.94 -0.72
C CYS B 96 -20.46 -0.10 0.01
N ALA B 97 -19.74 0.74 -0.74
CA ALA B 97 -18.71 1.59 -0.15
C ALA B 97 -18.46 2.82 -1.01
N ARG B 98 -18.11 3.93 -0.37
CA ARG B 98 -17.89 5.19 -1.09
C ARG B 98 -16.41 5.49 -1.27
N SER B 99 -16.09 6.22 -2.34
CA SER B 99 -14.75 6.74 -2.55
C SER B 99 -14.86 8.18 -3.07
N PRO B 100 -13.85 9.01 -2.79
CA PRO B 100 -13.93 10.44 -3.15
C PRO B 100 -14.08 10.70 -4.64
N ASN B 101 -14.96 11.62 -5.00
CA ASN B 101 -15.03 12.13 -6.37
C ASN B 101 -14.87 13.64 -6.39
N PRO B 102 -13.63 14.11 -6.52
CA PRO B 102 -13.31 15.54 -6.56
C PRO B 102 -13.86 16.20 -7.82
N TYR B 103 -14.34 17.44 -7.69
CA TYR B 103 -14.93 18.16 -8.82
C TYR B 103 -13.98 18.27 -10.01
N TYR B 104 -12.72 18.58 -9.73
CA TYR B 104 -11.73 18.78 -10.79
C TYR B 104 -11.52 17.52 -11.64
N TYR B 105 -11.38 16.38 -10.99
CA TYR B 105 -11.10 15.14 -11.69
C TYR B 105 -12.37 14.52 -12.29
N ASP B 106 -13.53 14.88 -11.73
CA ASP B 106 -14.80 14.38 -12.23
C ASP B 106 -15.06 14.86 -13.65
N SER B 107 -15.17 16.17 -13.82
CA SER B 107 -15.42 16.77 -15.12
C SER B 107 -14.25 16.58 -16.09
N SER B 108 -13.14 16.05 -15.57
CA SER B 108 -11.94 15.83 -16.36
C SER B 108 -11.95 14.49 -17.08
N GLY B 109 -12.89 13.62 -16.73
CA GLY B 109 -12.96 12.29 -17.32
C GLY B 109 -11.81 11.41 -16.85
N TYR B 110 -11.35 11.66 -15.62
CA TYR B 110 -10.30 10.87 -15.00
C TYR B 110 -10.83 10.24 -13.72
N TYR B 111 -10.71 8.93 -13.59
CA TYR B 111 -11.13 8.28 -12.36
C TYR B 111 -10.10 8.47 -11.24
N TYR B 112 -10.52 9.10 -10.16
CA TYR B 112 -9.68 9.31 -9.00
C TYR B 112 -9.53 8.02 -8.19
N PRO B 113 -8.30 7.49 -8.10
CA PRO B 113 -8.04 6.20 -7.46
C PRO B 113 -8.06 6.25 -5.93
N GLY B 114 -9.14 6.77 -5.36
CA GLY B 114 -9.24 6.94 -3.93
C GLY B 114 -9.59 5.67 -3.16
N ALA B 115 -9.43 5.74 -1.84
CA ALA B 115 -9.73 4.62 -0.96
C ALA B 115 -11.22 4.55 -0.62
N PHE B 116 -11.65 3.41 -0.07
CA PHE B 116 -13.03 3.23 0.34
C PHE B 116 -13.11 3.56 1.81
N ASP B 117 -13.45 4.80 2.15
CA ASP B 117 -13.36 5.25 3.53
C ASP B 117 -14.57 4.89 4.40
N ILE B 118 -15.73 4.73 3.77
CA ILE B 118 -16.94 4.34 4.49
C ILE B 118 -17.62 3.14 3.83
N TRP B 119 -17.91 2.12 4.62
CA TRP B 119 -18.56 0.89 4.13
C TRP B 119 -19.93 0.69 4.76
N GLY B 120 -20.82 0.03 4.04
CA GLY B 120 -22.09 -0.39 4.58
C GLY B 120 -21.91 -1.62 5.45
N GLN B 121 -22.96 -2.05 6.14
CA GLN B 121 -22.85 -3.16 7.08
C GLN B 121 -22.81 -4.52 6.38
N GLY B 122 -23.20 -4.55 5.11
CA GLY B 122 -23.21 -5.78 4.35
C GLY B 122 -24.56 -6.45 4.24
N THR B 123 -24.82 -7.04 3.08
CA THR B 123 -26.06 -7.76 2.84
C THR B 123 -25.76 -9.20 2.45
N MET B 124 -26.12 -10.14 3.33
CA MET B 124 -25.90 -11.56 3.07
C MET B 124 -26.91 -12.08 2.05
N VAL B 125 -26.41 -12.46 0.88
CA VAL B 125 -27.26 -13.00 -0.17
C VAL B 125 -26.86 -14.45 -0.43
N THR B 126 -27.77 -15.37 -0.16
CA THR B 126 -27.49 -16.78 -0.38
C THR B 126 -28.36 -17.35 -1.50
N VAL B 127 -27.70 -18.05 -2.43
CA VAL B 127 -28.40 -18.61 -3.58
C VAL B 127 -28.63 -20.10 -3.37
N SER B 128 -29.89 -20.49 -3.20
CA SER B 128 -30.22 -21.87 -2.90
C SER B 128 -31.65 -22.22 -3.31
N SER B 129 -31.85 -23.47 -3.72
CA SER B 129 -33.17 -23.96 -4.06
C SER B 129 -33.92 -24.35 -2.79
N ALA B 130 -33.18 -24.48 -1.69
CA ALA B 130 -33.77 -24.85 -0.42
C ALA B 130 -34.66 -23.73 0.11
N SER B 131 -35.61 -24.09 0.97
CA SER B 131 -36.58 -23.14 1.48
C SER B 131 -36.15 -22.52 2.81
N THR B 132 -36.67 -21.34 3.09
CA THR B 132 -36.36 -20.61 4.32
C THR B 132 -36.99 -21.29 5.53
N LYS B 133 -36.20 -21.48 6.58
CA LYS B 133 -36.70 -22.02 7.83
C LYS B 133 -36.17 -21.23 9.02
N GLY B 134 -37.08 -20.84 9.91
CA GLY B 134 -36.71 -20.16 11.14
C GLY B 134 -36.19 -21.15 12.15
N PRO B 135 -35.35 -20.69 13.09
CA PRO B 135 -34.69 -21.58 14.04
C PRO B 135 -35.52 -21.92 15.27
N SER B 136 -35.13 -23.00 15.95
CA SER B 136 -35.63 -23.29 17.29
C SER B 136 -34.56 -22.85 18.27
N VAL B 137 -34.98 -22.22 19.36
CA VAL B 137 -34.05 -21.74 20.37
C VAL B 137 -34.17 -22.56 21.64
N PHE B 138 -33.12 -23.28 22.00
CA PHE B 138 -33.13 -24.09 23.21
C PHE B 138 -32.14 -23.54 24.22
N PRO B 139 -32.47 -23.67 25.51
CA PRO B 139 -31.58 -23.11 26.54
C PRO B 139 -30.39 -24.02 26.85
N LEU B 140 -29.26 -23.40 27.14
CA LEU B 140 -28.13 -24.10 27.73
C LEU B 140 -28.05 -23.64 29.18
N ALA B 141 -28.75 -24.35 30.06
CA ALA B 141 -28.92 -23.91 31.45
C ALA B 141 -27.67 -24.08 32.28
N PRO B 142 -27.39 -23.09 33.17
CA PRO B 142 -26.22 -23.15 34.06
C PRO B 142 -26.45 -24.13 35.20
N SER B 143 -25.38 -24.76 35.68
CA SER B 143 -25.49 -25.74 36.74
C SER B 143 -24.15 -25.94 37.45
N SER B 144 -24.05 -27.00 38.23
CA SER B 144 -22.80 -27.35 38.88
C SER B 144 -21.75 -27.79 37.85
N LYS B 145 -22.23 -28.42 36.78
CA LYS B 145 -21.36 -28.87 35.70
C LYS B 145 -21.01 -27.74 34.73
N SER B 146 -21.41 -26.52 35.08
CA SER B 146 -21.08 -25.36 34.27
C SER B 146 -20.59 -24.19 35.13
N THR B 147 -20.17 -24.48 36.37
CA THR B 147 -19.66 -23.45 37.25
C THR B 147 -18.23 -23.73 37.71
N SER B 148 -17.41 -22.69 37.74
CA SER B 148 -16.02 -22.82 38.18
C SER B 148 -15.51 -21.53 38.84
N GLY B 149 -15.16 -21.64 40.11
CA GLY B 149 -14.60 -20.51 40.86
C GLY B 149 -15.58 -19.36 41.05
N GLY B 150 -16.86 -19.71 41.24
CA GLY B 150 -17.91 -18.72 41.42
C GLY B 150 -18.41 -18.15 40.10
N THR B 151 -17.94 -18.74 39.00
CA THR B 151 -18.34 -18.30 37.67
C THR B 151 -19.11 -19.40 36.95
N ALA B 152 -20.33 -19.08 36.53
CA ALA B 152 -21.16 -20.04 35.81
C ALA B 152 -21.30 -19.71 34.33
N ALA B 153 -21.48 -20.73 33.50
CA ALA B 153 -21.71 -20.53 32.08
C ALA B 153 -23.12 -20.95 31.68
N LEU B 154 -23.74 -20.16 30.82
CA LEU B 154 -25.06 -20.49 30.29
C LEU B 154 -25.14 -19.99 28.87
N GLY B 155 -26.17 -20.38 28.14
CA GLY B 155 -26.31 -19.94 26.77
C GLY B 155 -27.58 -20.36 26.05
N CYS B 156 -27.59 -20.09 24.75
CA CYS B 156 -28.73 -20.44 23.91
C CYS B 156 -28.27 -21.21 22.69
N LEU B 157 -28.96 -22.30 22.38
CA LEU B 157 -28.68 -23.07 21.18
C LEU B 157 -29.70 -22.70 20.10
N VAL B 158 -29.21 -22.13 19.01
CA VAL B 158 -30.06 -21.72 17.90
C VAL B 158 -29.94 -22.78 16.80
N LYS B 159 -30.95 -23.63 16.69
CA LYS B 159 -30.82 -24.83 15.87
C LYS B 159 -31.73 -24.86 14.64
N ASP B 160 -31.20 -25.46 13.56
CA ASP B 160 -31.98 -25.77 12.36
C ASP B 160 -32.65 -24.57 11.71
N TYR B 161 -31.85 -23.65 11.19
CA TYR B 161 -32.39 -22.53 10.44
C TYR B 161 -31.76 -22.46 9.05
N PHE B 162 -32.41 -21.70 8.17
CA PHE B 162 -31.89 -21.45 6.83
C PHE B 162 -32.62 -20.25 6.23
N PRO B 163 -31.86 -19.32 5.62
CA PRO B 163 -30.40 -19.37 5.52
C PRO B 163 -29.72 -18.57 6.61
N GLU B 164 -28.41 -18.39 6.46
CA GLU B 164 -27.62 -17.47 7.27
C GLU B 164 -28.12 -16.06 6.96
N PRO B 165 -28.07 -15.13 7.94
CA PRO B 165 -27.54 -15.27 9.30
C PRO B 165 -28.57 -15.10 10.41
N VAL B 166 -28.15 -15.42 11.63
CA VAL B 166 -28.89 -15.01 12.81
C VAL B 166 -27.99 -14.11 13.66
N THR B 167 -28.60 -13.17 14.36
CA THR B 167 -27.88 -12.33 15.31
C THR B 167 -28.33 -12.70 16.72
N VAL B 168 -27.39 -12.66 17.65
CA VAL B 168 -27.70 -12.94 19.05
C VAL B 168 -27.14 -11.86 19.96
N SER B 169 -27.99 -11.32 20.83
CA SER B 169 -27.55 -10.41 21.86
C SER B 169 -28.02 -10.94 23.19
N TRP B 170 -27.47 -10.41 24.28
CA TRP B 170 -27.89 -10.81 25.62
C TRP B 170 -28.42 -9.60 26.39
N ASN B 171 -29.61 -9.77 26.98
CA ASN B 171 -30.30 -8.70 27.68
C ASN B 171 -30.38 -7.41 26.86
N SER B 172 -30.82 -7.56 25.61
CA SER B 172 -31.04 -6.43 24.71
C SER B 172 -29.79 -5.57 24.50
N GLY B 173 -28.62 -6.17 24.66
CA GLY B 173 -27.36 -5.47 24.42
C GLY B 173 -26.68 -4.99 25.69
N ALA B 174 -27.36 -5.10 26.82
CA ALA B 174 -26.81 -4.63 28.09
C ALA B 174 -25.69 -5.54 28.60
N LEU B 175 -25.72 -6.79 28.16
CA LEU B 175 -24.73 -7.79 28.58
C LEU B 175 -23.86 -8.16 27.39
N THR B 176 -22.62 -7.68 27.39
CA THR B 176 -21.68 -7.95 26.31
C THR B 176 -20.41 -8.61 26.82
N SER B 177 -20.13 -8.44 28.10
CA SER B 177 -18.91 -8.96 28.69
C SER B 177 -19.01 -10.47 28.96
N GLY B 178 -18.06 -11.21 28.40
CA GLY B 178 -18.00 -12.65 28.60
C GLY B 178 -18.87 -13.41 27.63
N VAL B 179 -19.39 -12.72 26.61
CA VAL B 179 -20.25 -13.35 25.62
C VAL B 179 -19.44 -13.93 24.47
N HIS B 180 -19.74 -15.18 24.10
CA HIS B 180 -19.19 -15.77 22.89
C HIS B 180 -20.31 -16.32 22.02
N THR B 181 -20.52 -15.69 20.87
CA THR B 181 -21.43 -16.20 19.87
C THR B 181 -20.62 -16.88 18.78
N PHE B 182 -20.78 -18.19 18.67
CA PHE B 182 -19.97 -18.99 17.77
C PHE B 182 -20.41 -18.93 16.31
N PRO B 183 -19.46 -19.09 15.39
CA PRO B 183 -19.80 -19.24 13.97
C PRO B 183 -20.77 -20.39 13.78
N ALA B 184 -21.76 -20.21 12.92
CA ALA B 184 -22.72 -21.26 12.64
C ALA B 184 -22.03 -22.43 11.96
N VAL B 185 -22.52 -23.64 12.21
CA VAL B 185 -22.06 -24.82 11.48
C VAL B 185 -23.18 -25.33 10.59
N LEU B 186 -22.82 -25.79 9.40
CA LEU B 186 -23.80 -26.37 8.49
C LEU B 186 -23.95 -27.87 8.77
N GLN B 187 -25.16 -28.27 9.15
CA GLN B 187 -25.43 -29.67 9.46
C GLN B 187 -25.69 -30.49 8.21
N SER B 188 -25.66 -31.82 8.34
CA SER B 188 -25.88 -32.71 7.20
C SER B 188 -27.25 -32.48 6.55
N SER B 189 -28.23 -32.06 7.35
CA SER B 189 -29.57 -31.78 6.86
C SER B 189 -29.62 -30.54 5.97
N GLY B 190 -28.52 -29.80 5.91
CA GLY B 190 -28.48 -28.58 5.13
C GLY B 190 -29.00 -27.39 5.90
N LEU B 191 -29.23 -27.58 7.19
CA LEU B 191 -29.66 -26.50 8.08
C LEU B 191 -28.52 -26.07 9.00
N TYR B 192 -28.46 -24.77 9.28
CA TYR B 192 -27.41 -24.24 10.15
C TYR B 192 -27.77 -24.37 11.62
N SER B 193 -26.75 -24.46 12.45
CA SER B 193 -26.93 -24.47 13.90
C SER B 193 -25.84 -23.61 14.55
N LEU B 194 -26.20 -22.92 15.62
CA LEU B 194 -25.32 -21.95 16.25
C LEU B 194 -25.58 -21.92 17.75
N SER B 195 -24.55 -21.65 18.52
CA SER B 195 -24.70 -21.47 19.96
C SER B 195 -24.10 -20.13 20.40
N SER B 196 -24.72 -19.51 21.40
CA SER B 196 -24.20 -18.30 22.02
C SER B 196 -24.11 -18.53 23.52
N VAL B 197 -22.96 -18.26 24.11
CA VAL B 197 -22.75 -18.49 25.54
C VAL B 197 -22.28 -17.22 26.24
N VAL B 198 -22.42 -17.21 27.56
CA VAL B 198 -21.89 -16.12 28.39
C VAL B 198 -21.52 -16.68 29.75
N THR B 199 -20.44 -16.17 30.34
CA THR B 199 -20.07 -16.56 31.69
C THR B 199 -20.42 -15.44 32.66
N VAL B 200 -21.07 -15.82 33.75
CA VAL B 200 -21.58 -14.87 34.73
C VAL B 200 -21.26 -15.35 36.14
N PRO B 201 -21.35 -14.47 37.15
CA PRO B 201 -21.13 -14.92 38.53
C PRO B 201 -22.20 -15.90 38.99
N SER B 202 -21.78 -16.95 39.68
CA SER B 202 -22.72 -17.96 40.20
C SER B 202 -23.72 -17.38 41.19
N SER B 203 -23.33 -16.32 41.88
CA SER B 203 -24.17 -15.73 42.91
C SER B 203 -25.33 -14.92 42.34
N SER B 204 -25.22 -14.52 41.07
CA SER B 204 -26.23 -13.69 40.44
C SER B 204 -27.33 -14.51 39.76
N LEU B 205 -27.17 -15.84 39.79
CA LEU B 205 -28.07 -16.75 39.10
C LEU B 205 -29.50 -16.72 39.63
N GLY B 206 -29.70 -16.17 40.83
CA GLY B 206 -31.00 -16.13 41.43
C GLY B 206 -31.67 -14.77 41.36
N THR B 207 -30.88 -13.73 41.17
CA THR B 207 -31.41 -12.37 41.20
C THR B 207 -31.36 -11.68 39.83
N GLN B 208 -30.40 -12.07 39.00
CA GLN B 208 -30.26 -11.47 37.67
C GLN B 208 -30.83 -12.38 36.61
N THR B 209 -31.67 -11.83 35.74
CA THR B 209 -32.25 -12.63 34.66
C THR B 209 -31.40 -12.50 33.40
N TYR B 210 -31.25 -13.61 32.70
CA TYR B 210 -30.46 -13.62 31.47
C TYR B 210 -31.32 -14.06 30.28
N ILE B 211 -31.44 -13.18 29.31
CA ILE B 211 -32.27 -13.43 28.15
C ILE B 211 -31.45 -13.27 26.88
N CYS B 212 -31.44 -14.30 26.04
CA CYS B 212 -30.78 -14.18 24.75
C CYS B 212 -31.80 -13.70 23.72
N ASN B 213 -31.41 -12.71 22.94
CA ASN B 213 -32.27 -12.17 21.91
C ASN B 213 -31.82 -12.69 20.55
N VAL B 214 -32.59 -13.62 20.00
CA VAL B 214 -32.25 -14.24 18.73
C VAL B 214 -33.10 -13.63 17.61
N ASN B 215 -32.42 -13.26 16.52
CA ASN B 215 -33.12 -12.69 15.38
C ASN B 215 -32.71 -13.36 14.08
N HIS B 216 -33.69 -13.88 13.35
CA HIS B 216 -33.45 -14.47 12.05
C HIS B 216 -34.33 -13.76 11.03
N LYS B 217 -33.79 -12.70 10.43
CA LYS B 217 -34.56 -11.84 9.52
C LYS B 217 -35.17 -12.48 8.27
N PRO B 218 -34.46 -13.43 7.61
CA PRO B 218 -35.07 -14.07 6.43
C PRO B 218 -36.39 -14.79 6.70
N SER B 219 -36.63 -15.19 7.95
CA SER B 219 -37.88 -15.88 8.29
C SER B 219 -38.75 -15.03 9.22
N ASN B 220 -38.33 -13.79 9.45
CA ASN B 220 -39.02 -12.88 10.37
C ASN B 220 -39.19 -13.48 11.76
N THR B 221 -38.20 -14.25 12.20
CA THR B 221 -38.25 -14.87 13.52
C THR B 221 -37.49 -14.02 14.52
N LYS B 222 -38.16 -13.66 15.62
CA LYS B 222 -37.54 -12.90 16.68
C LYS B 222 -37.92 -13.55 18.00
N VAL B 223 -36.94 -14.08 18.71
CA VAL B 223 -37.20 -14.83 19.93
C VAL B 223 -36.39 -14.31 21.11
N ASP B 224 -37.07 -14.05 22.21
CA ASP B 224 -36.41 -13.72 23.46
C ASP B 224 -36.54 -14.90 24.41
N LYS B 225 -35.42 -15.56 24.70
CA LYS B 225 -35.44 -16.74 25.57
C LYS B 225 -34.74 -16.46 26.89
N LYS B 226 -35.48 -16.60 27.99
CA LYS B 226 -34.90 -16.49 29.32
C LYS B 226 -34.23 -17.81 29.68
N VAL B 227 -33.00 -17.73 30.16
CA VAL B 227 -32.25 -18.92 30.53
C VAL B 227 -31.94 -18.89 32.02
N GLU B 228 -32.32 -19.96 32.71
CA GLU B 228 -32.16 -20.06 34.15
C GLU B 228 -31.82 -21.49 34.55
N PRO B 229 -31.32 -21.70 35.78
CA PRO B 229 -30.97 -23.06 36.22
C PRO B 229 -32.19 -23.97 36.37
N LYS B 230 -31.94 -25.28 36.35
CA LYS B 230 -32.93 -26.36 36.56
C LYS B 230 -34.32 -25.97 37.04
N GLY C 3 -2.60 -9.40 -10.03
CA GLY C 3 -3.21 -9.40 -8.71
C GLY C 3 -2.24 -8.98 -7.62
N LEU C 4 -2.74 -8.86 -6.39
CA LEU C 4 -1.92 -8.48 -5.26
C LEU C 4 -1.73 -9.65 -4.30
N THR C 5 -0.48 -9.99 -4.03
CA THR C 5 -0.16 -11.16 -3.22
C THR C 5 0.16 -10.78 -1.78
N GLN C 6 -0.50 -11.45 -0.84
CA GLN C 6 -0.23 -11.25 0.58
C GLN C 6 0.08 -12.58 1.24
N PRO C 7 0.89 -12.55 2.32
CA PRO C 7 1.03 -13.76 3.13
C PRO C 7 -0.30 -14.09 3.78
N PRO C 8 -0.73 -15.36 3.73
CA PRO C 8 -2.01 -15.79 4.30
C PRO C 8 -2.07 -15.51 5.79
N SER C 9 -0.92 -15.60 6.45
CA SER C 9 -0.87 -15.45 7.89
C SER C 9 0.37 -14.67 8.34
N VAL C 10 0.16 -13.76 9.29
CA VAL C 10 1.26 -13.10 9.95
C VAL C 10 1.06 -13.23 11.45
N SER C 11 1.95 -13.99 12.08
CA SER C 11 1.84 -14.28 13.50
C SER C 11 2.94 -13.56 14.27
N VAL C 12 2.53 -12.83 15.30
CA VAL C 12 3.44 -12.00 16.05
C VAL C 12 3.05 -12.02 17.53
N ALA C 13 4.04 -12.17 18.40
CA ALA C 13 3.82 -12.11 19.84
C ALA C 13 3.45 -10.68 20.26
N PRO C 14 2.67 -10.53 21.35
CA PRO C 14 2.30 -9.20 21.85
C PRO C 14 3.54 -8.34 22.09
N GLY C 15 3.46 -7.06 21.71
CA GLY C 15 4.59 -6.16 21.89
C GLY C 15 5.46 -6.08 20.64
N GLN C 16 5.62 -7.20 19.96
CA GLN C 16 6.43 -7.26 18.75
C GLN C 16 5.76 -6.48 17.61
N THR C 17 6.48 -6.31 16.52
CA THR C 17 5.99 -5.54 15.38
C THR C 17 5.59 -6.46 14.23
N ALA C 18 4.37 -6.25 13.72
CA ALA C 18 3.87 -7.06 12.62
C ALA C 18 4.04 -6.34 11.28
N ARG C 19 4.46 -7.08 10.27
CA ARG C 19 4.60 -6.52 8.94
C ARG C 19 3.83 -7.34 7.91
N ILE C 20 2.98 -6.64 7.17
CA ILE C 20 2.16 -7.29 6.16
C ILE C 20 2.53 -6.76 4.79
N THR C 21 3.11 -7.62 3.95
CA THR C 21 3.53 -7.21 2.63
C THR C 21 2.41 -7.34 1.61
N CYS C 22 2.49 -6.53 0.57
CA CYS C 22 1.51 -6.53 -0.51
C CYS C 22 2.29 -6.45 -1.81
N GLY C 23 2.47 -7.60 -2.45
CA GLY C 23 3.30 -7.71 -3.63
C GLY C 23 2.54 -7.52 -4.93
N GLY C 24 3.18 -6.82 -5.86
CA GLY C 24 2.61 -6.60 -7.18
C GLY C 24 3.62 -5.87 -8.04
N ASN C 25 3.57 -6.13 -9.35
CA ASN C 25 4.53 -5.53 -10.27
C ASN C 25 4.36 -4.01 -10.39
N ASN C 26 5.41 -3.27 -10.04
CA ASN C 26 5.40 -1.81 -10.05
C ASN C 26 4.26 -1.23 -9.20
N ILE C 27 3.99 -1.85 -8.07
CA ILE C 27 2.96 -1.38 -7.15
C ILE C 27 3.42 -0.10 -6.47
N GLY C 28 4.72 0.15 -6.51
CA GLY C 28 5.31 1.35 -5.96
C GLY C 28 4.87 2.58 -6.71
N SER C 29 4.38 2.39 -7.94
CA SER C 29 3.89 3.50 -8.74
C SER C 29 2.38 3.72 -8.57
N LYS C 30 1.75 2.87 -7.77
CA LYS C 30 0.32 3.00 -7.49
C LYS C 30 0.08 3.44 -6.04
N SER C 31 -1.11 3.98 -5.78
CA SER C 31 -1.49 4.34 -4.41
C SER C 31 -2.18 3.15 -3.74
N VAL C 32 -1.56 2.66 -2.66
CA VAL C 32 -2.05 1.49 -1.96
C VAL C 32 -2.89 1.86 -0.74
N HIS C 33 -4.06 1.22 -0.60
CA HIS C 33 -4.91 1.41 0.56
C HIS C 33 -5.03 0.12 1.36
N TRP C 34 -5.16 0.24 2.68
CA TRP C 34 -5.21 -0.90 3.58
C TRP C 34 -6.51 -0.95 4.38
N TYR C 35 -7.09 -2.15 4.49
CA TYR C 35 -8.35 -2.34 5.21
C TYR C 35 -8.23 -3.39 6.30
N GLN C 36 -8.87 -3.12 7.43
CA GLN C 36 -8.90 -4.05 8.55
C GLN C 36 -10.31 -4.59 8.73
N GLN C 37 -10.45 -5.92 8.72
CA GLN C 37 -11.76 -6.52 8.88
C GLN C 37 -11.78 -7.53 10.03
N LYS C 38 -12.58 -7.22 11.05
CA LYS C 38 -12.80 -8.14 12.15
C LYS C 38 -14.03 -9.00 11.83
N PRO C 39 -14.11 -10.21 12.41
CA PRO C 39 -15.18 -11.16 12.08
C PRO C 39 -16.58 -10.59 12.26
N GLY C 40 -17.43 -10.80 11.26
CA GLY C 40 -18.81 -10.35 11.30
C GLY C 40 -18.99 -8.89 10.91
N GLN C 41 -17.88 -8.16 10.82
CA GLN C 41 -17.92 -6.73 10.53
C GLN C 41 -17.51 -6.39 9.11
N ALA C 42 -17.81 -5.17 8.70
CA ALA C 42 -17.36 -4.65 7.42
C ALA C 42 -15.89 -4.21 7.55
N PRO C 43 -15.16 -4.20 6.43
CA PRO C 43 -13.77 -3.72 6.46
C PRO C 43 -13.71 -2.25 6.85
N VAL C 44 -12.67 -1.85 7.58
CA VAL C 44 -12.46 -0.44 7.88
C VAL C 44 -11.13 0.06 7.33
N LEU C 45 -11.16 1.26 6.76
CA LEU C 45 -9.97 1.87 6.19
C LEU C 45 -8.98 2.20 7.29
N VAL C 46 -7.75 1.70 7.14
CA VAL C 46 -6.74 1.86 8.17
C VAL C 46 -5.57 2.72 7.69
N VAL C 47 -5.22 2.57 6.41
CA VAL C 47 -4.19 3.40 5.77
C VAL C 47 -4.61 3.63 4.33
N TYR C 48 -4.43 4.87 3.85
CA TYR C 48 -4.71 5.18 2.45
C TYR C 48 -3.57 5.99 1.84
N ASP C 49 -3.50 6.00 0.50
CA ASP C 49 -2.42 6.67 -0.22
C ASP C 49 -1.06 6.26 0.34
N ASP C 50 -0.85 4.95 0.42
CA ASP C 50 0.41 4.35 0.88
C ASP C 50 0.59 4.48 2.39
N SER C 51 0.52 5.69 2.92
CA SER C 51 1.04 5.97 4.26
C SER C 51 0.20 6.91 5.12
N ASP C 52 -0.91 7.41 4.57
CA ASP C 52 -1.78 8.28 5.33
C ASP C 52 -2.84 7.48 6.10
N ARG C 53 -3.04 7.83 7.36
CA ARG C 53 -4.05 7.14 8.16
C ARG C 53 -5.23 8.06 8.46
N PRO C 54 -6.45 7.53 8.32
CA PRO C 54 -7.68 8.30 8.58
C PRO C 54 -7.73 8.72 10.04
N SER C 55 -8.53 9.75 10.33
CA SER C 55 -8.74 10.16 11.71
C SER C 55 -9.35 9.02 12.51
N GLY C 56 -8.75 8.71 13.66
CA GLY C 56 -9.28 7.69 14.53
C GLY C 56 -8.47 6.41 14.55
N ILE C 57 -7.45 6.34 13.70
CA ILE C 57 -6.57 5.18 13.64
C ILE C 57 -5.24 5.48 14.33
N PRO C 58 -4.83 4.61 15.27
CA PRO C 58 -3.61 4.78 16.06
C PRO C 58 -2.35 4.98 15.22
N GLU C 59 -1.36 5.65 15.79
CA GLU C 59 -0.09 5.87 15.10
C GLU C 59 0.69 4.56 14.95
N ARG C 60 0.26 3.50 15.64
CA ARG C 60 0.91 2.20 15.55
C ARG C 60 0.79 1.63 14.13
N PHE C 61 -0.19 2.13 13.39
CA PHE C 61 -0.41 1.72 12.01
C PHE C 61 0.30 2.67 11.06
N SER C 62 1.20 2.14 10.25
CA SER C 62 1.88 2.95 9.25
C SER C 62 2.10 2.13 7.98
N GLY C 63 2.23 2.82 6.85
CA GLY C 63 2.43 2.14 5.59
C GLY C 63 3.58 2.69 4.78
N SER C 64 4.10 1.87 3.88
CA SER C 64 5.10 2.30 2.92
C SER C 64 4.86 1.60 1.60
N ASN C 65 5.45 2.14 0.53
CA ASN C 65 5.27 1.58 -0.80
C ASN C 65 6.38 1.98 -1.76
N SER C 66 7.09 0.99 -2.32
CA SER C 66 8.14 1.24 -3.30
C SER C 66 8.46 -0.02 -4.09
N GLY C 67 8.69 0.16 -5.39
CA GLY C 67 9.08 -0.94 -6.25
C GLY C 67 7.97 -1.95 -6.48
N ASN C 68 8.13 -3.12 -5.88
CA ASN C 68 7.18 -4.20 -6.08
C ASN C 68 6.47 -4.63 -4.80
N THR C 69 6.70 -3.89 -3.72
CA THR C 69 6.12 -4.27 -2.44
C THR C 69 5.67 -3.08 -1.61
N ALA C 70 4.41 -3.09 -1.21
CA ALA C 70 3.89 -2.15 -0.22
C ALA C 70 3.74 -2.89 1.10
N THR C 71 3.94 -2.18 2.21
CA THR C 71 3.94 -2.81 3.52
C THR C 71 3.06 -2.08 4.52
N LEU C 72 2.20 -2.84 5.21
CA LEU C 72 1.50 -2.32 6.37
C LEU C 72 2.27 -2.73 7.62
N THR C 73 2.57 -1.76 8.47
CA THR C 73 3.35 -2.03 9.66
C THR C 73 2.55 -1.76 10.93
N ILE C 74 2.40 -2.80 11.75
CA ILE C 74 1.72 -2.67 13.02
C ILE C 74 2.74 -2.83 14.15
N SER C 75 3.01 -1.75 14.86
CA SER C 75 3.99 -1.77 15.93
C SER C 75 3.29 -2.04 17.26
N ARG C 76 3.97 -2.74 18.17
CA ARG C 76 3.43 -3.09 19.47
C ARG C 76 2.06 -3.74 19.36
N VAL C 77 2.01 -4.87 18.64
CA VAL C 77 0.79 -5.63 18.44
C VAL C 77 0.13 -5.97 19.77
N GLU C 78 -1.18 -5.73 19.85
CA GLU C 78 -1.95 -5.97 21.05
C GLU C 78 -3.26 -6.66 20.71
N ALA C 79 -3.96 -7.14 21.72
CA ALA C 79 -5.28 -7.72 21.53
C ALA C 79 -6.19 -6.66 20.90
N GLY C 80 -6.92 -7.05 19.86
CA GLY C 80 -7.75 -6.10 19.15
C GLY C 80 -7.13 -5.75 17.80
N ASP C 81 -5.90 -6.19 17.58
CA ASP C 81 -5.25 -6.02 16.29
C ASP C 81 -5.53 -7.24 15.43
N GLU C 82 -6.01 -8.32 16.05
CA GLU C 82 -6.37 -9.52 15.32
C GLU C 82 -7.50 -9.23 14.33
N ALA C 83 -7.23 -9.49 13.06
CA ALA C 83 -8.18 -9.22 11.99
C ALA C 83 -7.62 -9.74 10.68
N ASP C 84 -8.42 -9.66 9.63
CA ASP C 84 -7.93 -9.87 8.28
C ASP C 84 -7.56 -8.51 7.69
N TYR C 85 -6.36 -8.41 7.14
CA TYR C 85 -5.92 -7.17 6.51
C TYR C 85 -5.79 -7.32 5.00
N TYR C 86 -6.39 -6.36 4.28
CA TYR C 86 -6.41 -6.40 2.83
C TYR C 86 -5.79 -5.13 2.25
N CYS C 87 -4.79 -5.28 1.39
CA CYS C 87 -4.30 -4.15 0.60
C CYS C 87 -5.17 -3.99 -0.65
N GLN C 88 -5.05 -2.85 -1.32
CA GLN C 88 -5.90 -2.55 -2.45
C GLN C 88 -5.26 -1.48 -3.33
N VAL C 89 -5.38 -1.65 -4.65
CA VAL C 89 -5.01 -0.59 -5.58
C VAL C 89 -6.07 -0.46 -6.66
N TRP C 90 -6.12 0.72 -7.26
CA TRP C 90 -6.86 0.89 -8.51
C TRP C 90 -5.87 0.61 -9.64
N ASP C 91 -6.27 -0.24 -10.59
CA ASP C 91 -5.42 -0.58 -11.72
C ASP C 91 -5.95 0.10 -12.98
N SER C 92 -5.35 1.23 -13.34
CA SER C 92 -5.80 2.00 -14.49
C SER C 92 -5.61 1.27 -15.81
N SER C 93 -4.67 0.33 -15.83
CA SER C 93 -4.39 -0.46 -17.03
C SER C 93 -5.52 -1.45 -17.33
N SER C 94 -6.22 -1.88 -16.29
CA SER C 94 -7.31 -2.84 -16.45
C SER C 94 -8.66 -2.27 -16.04
N ASP C 95 -8.64 -1.04 -15.52
CA ASP C 95 -9.85 -0.39 -15.00
C ASP C 95 -10.58 -1.23 -13.96
N HIS C 96 -9.81 -1.84 -13.06
CA HIS C 96 -10.35 -2.62 -11.96
C HIS C 96 -9.74 -2.16 -10.64
N TYR C 97 -10.52 -2.27 -9.56
CA TYR C 97 -9.94 -2.22 -8.23
C TYR C 97 -9.46 -3.63 -7.91
N VAL C 98 -8.27 -3.75 -7.36
CA VAL C 98 -7.72 -5.05 -7.03
C VAL C 98 -7.45 -5.15 -5.54
N PHE C 99 -7.97 -6.19 -4.89
CA PHE C 99 -7.69 -6.43 -3.48
C PHE C 99 -6.62 -7.49 -3.34
N GLY C 100 -5.82 -7.38 -2.27
CA GLY C 100 -4.88 -8.43 -1.93
C GLY C 100 -5.63 -9.67 -1.48
N THR C 101 -4.91 -10.78 -1.35
CA THR C 101 -5.53 -12.05 -1.01
C THR C 101 -5.88 -12.13 0.47
N GLY C 102 -5.39 -11.16 1.25
CA GLY C 102 -5.73 -11.08 2.66
C GLY C 102 -4.71 -11.71 3.57
N THR C 103 -4.57 -11.13 4.76
CA THR C 103 -3.63 -11.61 5.76
C THR C 103 -4.27 -11.61 7.13
N LYS C 104 -4.34 -12.77 7.78
CA LYS C 104 -4.88 -12.84 9.13
C LYS C 104 -3.75 -12.64 10.14
N VAL C 105 -3.89 -11.62 10.99
CA VAL C 105 -2.91 -11.37 12.03
C VAL C 105 -3.26 -12.12 13.31
N THR C 106 -2.45 -13.12 13.63
CA THR C 106 -2.62 -13.91 14.85
C THR C 106 -1.66 -13.39 15.90
N VAL C 107 -2.14 -13.27 17.14
CA VAL C 107 -1.30 -12.86 18.25
C VAL C 107 -0.80 -14.06 19.04
N LEU C 108 0.53 -14.18 19.11
CA LEU C 108 1.16 -15.31 19.80
C LEU C 108 1.33 -15.04 21.31
N ARG C 109 0.22 -15.08 22.05
CA ARG C 109 0.19 -14.85 23.50
C ARG C 109 0.65 -16.11 24.25
N THR C 110 0.75 -16.02 25.58
CA THR C 110 1.14 -17.17 26.39
C THR C 110 0.04 -18.23 26.48
N VAL C 111 0.41 -19.42 26.91
CA VAL C 111 -0.53 -20.53 26.97
C VAL C 111 -1.66 -20.25 27.96
N ALA C 112 -2.87 -20.70 27.63
CA ALA C 112 -4.01 -20.59 28.52
C ALA C 112 -4.88 -21.85 28.41
N ALA C 113 -5.07 -22.53 29.53
CA ALA C 113 -5.90 -23.73 29.56
C ALA C 113 -7.36 -23.33 29.49
N PRO C 114 -8.17 -24.11 28.74
CA PRO C 114 -9.59 -23.79 28.65
C PRO C 114 -10.33 -24.13 29.94
N SER C 115 -11.34 -23.33 30.27
CA SER C 115 -12.33 -23.75 31.25
C SER C 115 -13.35 -24.58 30.48
N VAL C 116 -13.65 -25.77 30.96
CA VAL C 116 -14.53 -26.69 30.23
C VAL C 116 -15.89 -26.86 30.89
N PHE C 117 -16.96 -26.66 30.13
CA PHE C 117 -18.33 -26.86 30.63
C PHE C 117 -19.11 -27.79 29.71
N ILE C 118 -20.05 -28.53 30.29
CA ILE C 118 -20.90 -29.43 29.50
C ILE C 118 -22.38 -29.17 29.78
N PHE C 119 -23.18 -29.19 28.71
CA PHE C 119 -24.61 -28.95 28.81
C PHE C 119 -25.39 -30.14 28.24
N PRO C 120 -26.26 -30.76 29.07
CA PRO C 120 -27.17 -31.80 28.58
C PRO C 120 -28.19 -31.19 27.62
N PRO C 121 -28.82 -32.02 26.79
CA PRO C 121 -29.91 -31.49 25.95
C PRO C 121 -31.06 -31.01 26.82
N SER C 122 -31.81 -30.04 26.32
CA SER C 122 -32.94 -29.48 27.08
C SER C 122 -34.15 -30.39 26.94
N ASP C 123 -35.00 -30.39 27.96
CA ASP C 123 -36.24 -31.18 27.91
C ASP C 123 -37.11 -30.72 26.75
N GLU C 124 -37.05 -29.43 26.43
CA GLU C 124 -37.83 -28.89 25.33
C GLU C 124 -37.35 -29.38 23.96
N GLN C 125 -36.05 -29.62 23.82
CA GLN C 125 -35.55 -30.17 22.55
C GLN C 125 -35.85 -31.66 22.47
N LEU C 126 -35.73 -32.34 23.61
CA LEU C 126 -36.03 -33.76 23.68
C LEU C 126 -37.47 -34.07 23.28
N LYS C 127 -38.36 -33.09 23.43
CA LYS C 127 -39.75 -33.26 23.02
C LYS C 127 -39.90 -33.33 21.50
N SER C 128 -38.81 -33.10 20.78
CA SER C 128 -38.85 -33.08 19.31
C SER C 128 -38.15 -34.28 18.67
N GLY C 129 -37.58 -35.15 19.51
CA GLY C 129 -36.97 -36.37 19.02
C GLY C 129 -35.48 -36.30 18.75
N THR C 130 -34.88 -35.15 19.01
CA THR C 130 -33.45 -34.97 18.82
C THR C 130 -32.75 -34.49 20.09
N ALA C 131 -31.52 -34.94 20.30
CA ALA C 131 -30.74 -34.53 21.45
C ALA C 131 -29.42 -33.87 21.04
N SER C 132 -29.21 -32.66 21.52
CA SER C 132 -27.96 -31.95 21.31
C SER C 132 -27.25 -31.75 22.64
N VAL C 133 -26.12 -32.40 22.82
CA VAL C 133 -25.32 -32.19 24.02
C VAL C 133 -24.09 -31.36 23.67
N VAL C 134 -23.89 -30.27 24.41
CA VAL C 134 -22.89 -29.26 24.06
C VAL C 134 -21.73 -29.22 25.05
N CYS C 135 -20.52 -29.15 24.50
CA CYS C 135 -19.33 -29.00 25.31
C CYS C 135 -18.66 -27.67 24.98
N LEU C 136 -18.38 -26.87 25.99
CA LEU C 136 -17.81 -25.55 25.80
C LEU C 136 -16.39 -25.49 26.33
N LEU C 137 -15.48 -25.00 25.51
CA LEU C 137 -14.10 -24.76 25.92
C LEU C 137 -13.88 -23.27 25.88
N ASN C 138 -13.69 -22.67 27.05
CA ASN C 138 -13.69 -21.21 27.14
C ASN C 138 -12.32 -20.58 27.35
N ASN C 139 -12.00 -19.61 26.50
CA ASN C 139 -10.84 -18.73 26.67
C ASN C 139 -9.50 -19.44 26.78
N PHE C 140 -9.11 -20.14 25.71
CA PHE C 140 -7.86 -20.87 25.73
C PHE C 140 -6.89 -20.39 24.64
N TYR C 141 -5.64 -20.80 24.77
CA TYR C 141 -4.61 -20.51 23.78
C TYR C 141 -3.49 -21.54 23.92
N PRO C 142 -2.96 -22.06 22.79
CA PRO C 142 -3.30 -21.74 21.40
C PRO C 142 -4.56 -22.45 20.91
N ARG C 143 -4.86 -22.25 19.62
CA ARG C 143 -6.10 -22.71 19.02
C ARG C 143 -6.26 -24.23 19.03
N GLU C 144 -5.16 -24.96 18.90
CA GLU C 144 -5.22 -26.42 18.85
C GLU C 144 -5.75 -27.04 20.13
N ALA C 145 -6.77 -27.88 19.99
CA ALA C 145 -7.38 -28.56 21.13
C ALA C 145 -8.11 -29.79 20.64
N LYS C 146 -8.10 -30.85 21.44
CA LYS C 146 -8.80 -32.07 21.09
C LYS C 146 -10.03 -32.27 21.97
N VAL C 147 -11.20 -32.27 21.34
CA VAL C 147 -12.44 -32.63 22.03
C VAL C 147 -12.86 -34.04 21.67
N GLN C 148 -12.92 -34.92 22.66
CA GLN C 148 -13.32 -36.30 22.44
C GLN C 148 -14.60 -36.62 23.21
N TRP C 149 -15.67 -36.90 22.48
CA TRP C 149 -16.93 -37.31 23.10
C TRP C 149 -16.92 -38.78 23.47
N LYS C 150 -17.45 -39.08 24.65
CA LYS C 150 -17.60 -40.46 25.10
C LYS C 150 -18.99 -40.66 25.66
N VAL C 151 -19.72 -41.64 25.13
CA VAL C 151 -20.97 -42.05 25.75
C VAL C 151 -20.85 -43.49 26.25
N ASP C 152 -21.05 -43.66 27.54
CA ASP C 152 -20.77 -44.94 28.21
C ASP C 152 -19.40 -45.47 27.84
N ASN C 153 -18.40 -44.59 27.90
CA ASN C 153 -17.01 -44.93 27.61
C ASN C 153 -16.74 -45.35 26.16
N ALA C 154 -17.72 -45.16 25.28
CA ALA C 154 -17.53 -45.42 23.87
C ALA C 154 -17.15 -44.13 23.15
N LEU C 155 -15.96 -44.10 22.57
CA LEU C 155 -15.47 -42.92 21.86
C LEU C 155 -16.32 -42.64 20.63
N GLN C 156 -16.83 -41.41 20.53
CA GLN C 156 -17.65 -41.02 19.39
C GLN C 156 -16.80 -40.39 18.30
N SER C 157 -17.16 -40.65 17.05
CA SER C 157 -16.44 -40.07 15.93
C SER C 157 -17.36 -39.85 14.74
N GLY C 158 -17.25 -38.67 14.11
CA GLY C 158 -18.13 -38.31 13.00
C GLY C 158 -19.51 -37.97 13.49
N ASN C 159 -19.65 -37.93 14.81
CA ASN C 159 -20.92 -37.79 15.49
C ASN C 159 -21.17 -36.36 15.96
N SER C 160 -20.18 -35.50 15.77
CA SER C 160 -20.24 -34.15 16.31
C SER C 160 -19.73 -33.09 15.35
N GLN C 161 -20.02 -31.83 15.67
CA GLN C 161 -19.47 -30.70 14.94
C GLN C 161 -18.97 -29.66 15.94
N GLU C 162 -17.94 -28.92 15.57
CA GLU C 162 -17.44 -27.87 16.43
C GLU C 162 -17.22 -26.58 15.65
N SER C 163 -17.28 -25.45 16.36
CA SER C 163 -16.92 -24.17 15.77
C SER C 163 -16.12 -23.38 16.78
N VAL C 164 -15.25 -22.51 16.28
CA VAL C 164 -14.32 -21.75 17.11
C VAL C 164 -14.44 -20.26 16.81
N THR C 165 -14.49 -19.45 17.85
CA THR C 165 -14.46 -18.00 17.68
C THR C 165 -13.04 -17.56 17.35
N GLU C 166 -12.90 -16.42 16.70
CA GLU C 166 -11.58 -15.86 16.45
C GLU C 166 -11.04 -15.26 17.74
N GLN C 167 -9.78 -14.84 17.73
CA GLN C 167 -9.11 -14.35 18.93
C GLN C 167 -9.85 -13.19 19.58
N ASP C 168 -10.00 -13.27 20.90
CA ASP C 168 -10.75 -12.28 21.66
C ASP C 168 -10.05 -10.93 21.66
N SER C 169 -10.85 -9.86 21.55
CA SER C 169 -10.29 -8.52 21.44
C SER C 169 -9.61 -8.05 22.72
N LYS C 170 -9.82 -8.77 23.82
CA LYS C 170 -9.24 -8.36 25.10
C LYS C 170 -8.11 -9.26 25.61
N ASP C 171 -8.26 -10.59 25.49
CA ASP C 171 -7.25 -11.49 26.01
C ASP C 171 -6.58 -12.37 24.95
N SER C 172 -6.94 -12.14 23.70
CA SER C 172 -6.37 -12.88 22.56
C SER C 172 -6.55 -14.39 22.66
N THR C 173 -7.59 -14.84 23.35
CA THR C 173 -7.86 -16.27 23.48
C THR C 173 -8.92 -16.73 22.49
N TYR C 174 -9.07 -18.05 22.38
CA TYR C 174 -10.11 -18.66 21.55
C TYR C 174 -11.14 -19.33 22.43
N SER C 175 -12.35 -19.50 21.90
CA SER C 175 -13.35 -20.34 22.54
C SER C 175 -13.90 -21.34 21.53
N LEU C 176 -14.32 -22.51 22.03
CA LEU C 176 -14.77 -23.58 21.17
C LEU C 176 -16.07 -24.21 21.67
N SER C 177 -16.99 -24.45 20.75
CA SER C 177 -18.23 -25.15 21.06
C SER C 177 -18.30 -26.45 20.26
N SER C 178 -18.50 -27.57 20.94
CA SER C 178 -18.68 -28.85 20.25
C SER C 178 -20.05 -29.44 20.56
N THR C 179 -20.81 -29.77 19.51
CA THR C 179 -22.15 -30.32 19.69
C THR C 179 -22.22 -31.78 19.27
N LEU C 180 -22.61 -32.64 20.21
CA LEU C 180 -22.82 -34.05 19.94
C LEU C 180 -24.30 -34.26 19.63
N THR C 181 -24.59 -34.79 18.45
CA THR C 181 -25.97 -34.97 18.02
C THR C 181 -26.39 -36.43 18.01
N LEU C 182 -27.43 -36.73 18.79
CA LEU C 182 -28.01 -38.08 18.85
C LEU C 182 -29.51 -37.98 18.66
N SER C 183 -30.12 -39.11 18.28
CA SER C 183 -31.58 -39.21 18.29
C SER C 183 -32.02 -39.29 19.74
N LYS C 184 -33.25 -38.90 20.02
CA LYS C 184 -33.79 -39.01 21.37
C LYS C 184 -33.73 -40.46 21.85
N ALA C 185 -34.02 -41.38 20.93
CA ALA C 185 -34.00 -42.81 21.22
C ALA C 185 -32.60 -43.24 21.66
N ASP C 186 -31.59 -42.86 20.89
CA ASP C 186 -30.21 -43.21 21.23
C ASP C 186 -29.76 -42.53 22.51
N TYR C 187 -30.16 -41.27 22.70
CA TYR C 187 -29.79 -40.54 23.91
C TYR C 187 -30.31 -41.23 25.16
N GLU C 188 -31.55 -41.72 25.09
CA GLU C 188 -32.21 -42.27 26.27
C GLU C 188 -31.81 -43.71 26.59
N LYS C 189 -31.03 -44.34 25.71
CA LYS C 189 -30.54 -45.68 26.00
C LYS C 189 -29.08 -45.69 26.46
N HIS C 190 -28.61 -44.54 26.94
CA HIS C 190 -27.25 -44.44 27.49
C HIS C 190 -27.26 -43.56 28.74
N LYS C 191 -26.23 -43.70 29.57
CA LYS C 191 -26.18 -42.99 30.84
C LYS C 191 -25.13 -41.88 30.90
N VAL C 192 -23.86 -42.26 30.78
CA VAL C 192 -22.77 -41.31 30.99
C VAL C 192 -22.36 -40.57 29.71
N TYR C 193 -22.53 -39.26 29.73
CA TYR C 193 -22.12 -38.42 28.61
C TYR C 193 -20.93 -37.58 29.02
N ALA C 194 -19.79 -37.80 28.36
CA ALA C 194 -18.55 -37.17 28.77
C ALA C 194 -17.84 -36.45 27.63
N CYS C 195 -17.32 -35.28 27.96
CA CYS C 195 -16.51 -34.49 27.05
C CYS C 195 -15.07 -34.48 27.57
N GLU C 196 -14.16 -35.05 26.81
CA GLU C 196 -12.76 -35.07 27.23
C GLU C 196 -11.93 -34.11 26.39
N VAL C 197 -11.18 -33.26 27.08
CA VAL C 197 -10.43 -32.19 26.41
C VAL C 197 -8.95 -32.30 26.72
N THR C 198 -8.13 -32.35 25.67
CA THR C 198 -6.69 -32.26 25.85
C THR C 198 -6.20 -30.99 25.19
N HIS C 199 -5.30 -30.30 25.86
CA HIS C 199 -4.82 -29.01 25.41
C HIS C 199 -3.46 -28.74 26.02
N GLN C 200 -2.65 -27.95 25.33
CA GLN C 200 -1.31 -27.61 25.78
C GLN C 200 -1.29 -27.05 27.22
N GLY C 201 -2.29 -26.23 27.54
CA GLY C 201 -2.38 -25.63 28.87
C GLY C 201 -2.73 -26.62 29.96
N LEU C 202 -3.23 -27.78 29.57
CA LEU C 202 -3.57 -28.86 30.50
C LEU C 202 -2.41 -29.82 30.67
N SER C 203 -2.01 -30.05 31.92
CA SER C 203 -0.97 -31.04 32.21
C SER C 203 -1.50 -32.45 31.95
N SER C 204 -2.82 -32.58 32.03
CA SER C 204 -3.50 -33.85 31.79
C SER C 204 -4.88 -33.56 31.21
N PRO C 205 -5.39 -34.46 30.35
CA PRO C 205 -6.73 -34.28 29.77
C PRO C 205 -7.82 -34.09 30.83
N VAL C 206 -8.68 -33.10 30.60
CA VAL C 206 -9.78 -32.82 31.52
C VAL C 206 -11.07 -33.43 31.01
N THR C 207 -11.80 -34.09 31.90
CA THR C 207 -13.08 -34.67 31.54
C THR C 207 -14.24 -34.01 32.27
N LYS C 208 -15.21 -33.54 31.51
CA LYS C 208 -16.45 -33.00 32.06
C LYS C 208 -17.57 -33.93 31.62
N SER C 209 -18.41 -34.34 32.57
CA SER C 209 -19.43 -35.34 32.27
C SER C 209 -20.68 -35.22 33.14
N PHE C 210 -21.75 -35.85 32.68
CA PHE C 210 -22.99 -35.93 33.46
C PHE C 210 -23.68 -37.27 33.20
N ASN C 211 -24.63 -37.62 34.06
CA ASN C 211 -25.44 -38.82 33.87
C ASN C 211 -26.84 -38.44 33.42
N ARG C 212 -27.35 -39.14 32.41
CA ARG C 212 -28.68 -38.88 31.89
C ARG C 212 -29.72 -39.02 33.00
N GLY C 213 -30.48 -37.96 33.26
CA GLY C 213 -31.55 -37.98 34.24
C GLY C 213 -31.27 -37.21 35.51
N GLU C 214 -30.01 -36.90 35.76
CA GLU C 214 -29.62 -36.23 37.00
C GLU C 214 -29.32 -34.74 36.81
N CYS C 215 -29.84 -33.89 37.68
CA CYS C 215 -30.75 -34.27 38.77
C CYS C 215 -31.69 -33.12 39.10
N GLY D 3 19.57 15.37 -31.72
CA GLY D 3 19.59 15.62 -33.15
C GLY D 3 18.19 15.58 -33.75
N LEU D 4 17.24 15.11 -32.94
CA LEU D 4 15.83 15.10 -33.32
C LEU D 4 15.12 16.17 -32.52
N THR D 5 14.15 16.84 -33.12
CA THR D 5 13.46 17.95 -32.46
C THR D 5 12.26 17.51 -31.62
N GLN D 6 12.31 17.87 -30.33
CA GLN D 6 11.19 17.66 -29.42
C GLN D 6 10.86 18.97 -28.69
N PRO D 7 9.56 19.20 -28.42
CA PRO D 7 9.17 20.32 -27.55
C PRO D 7 9.70 20.08 -26.14
N PRO D 8 10.25 21.12 -25.50
CA PRO D 8 10.84 20.99 -24.17
C PRO D 8 9.80 20.55 -23.12
N SER D 9 8.54 20.92 -23.35
CA SER D 9 7.50 20.69 -22.36
C SER D 9 6.14 20.37 -22.96
N VAL D 10 5.43 19.45 -22.31
CA VAL D 10 4.05 19.18 -22.63
C VAL D 10 3.26 19.09 -21.33
N SER D 11 2.17 19.85 -21.24
CA SER D 11 1.33 19.83 -20.06
C SER D 11 -0.04 19.26 -20.39
N VAL D 12 -0.55 18.42 -19.50
CA VAL D 12 -1.84 17.79 -19.70
C VAL D 12 -2.51 17.40 -18.37
N ALA D 13 -3.81 17.64 -18.29
CA ALA D 13 -4.59 17.29 -17.10
C ALA D 13 -4.74 15.78 -16.99
N PRO D 14 -4.95 15.26 -15.77
CA PRO D 14 -5.16 13.82 -15.60
C PRO D 14 -6.36 13.35 -16.41
N GLY D 15 -6.20 12.25 -17.15
CA GLY D 15 -7.27 11.71 -17.97
C GLY D 15 -7.22 12.20 -19.41
N GLN D 16 -6.53 13.31 -19.63
CA GLN D 16 -6.38 13.84 -20.98
C GLN D 16 -5.28 13.12 -21.75
N THR D 17 -5.19 13.42 -23.05
CA THR D 17 -4.21 12.76 -23.90
C THR D 17 -3.00 13.65 -24.17
N ALA D 18 -1.81 13.13 -23.86
CA ALA D 18 -0.58 13.85 -24.15
C ALA D 18 0.02 13.38 -25.48
N ARG D 19 0.46 14.32 -26.29
CA ARG D 19 1.09 14.01 -27.57
C ARG D 19 2.46 14.65 -27.66
N ILE D 20 3.49 13.81 -27.78
CA ILE D 20 4.87 14.25 -27.86
C ILE D 20 5.43 14.00 -29.24
N THR D 21 5.86 15.09 -29.91
CA THR D 21 6.33 14.99 -31.28
C THR D 21 7.84 14.86 -31.37
N CYS D 22 8.29 14.11 -32.37
CA CYS D 22 9.70 13.93 -32.63
C CYS D 22 9.99 14.34 -34.07
N GLY D 23 10.65 15.47 -34.24
CA GLY D 23 10.85 16.06 -35.55
C GLY D 23 12.20 15.73 -36.17
N GLY D 24 12.17 15.30 -37.43
CA GLY D 24 13.39 14.97 -38.16
C GLY D 24 13.07 14.79 -39.63
N ASN D 25 13.99 15.22 -40.48
CA ASN D 25 13.79 15.14 -41.92
C ASN D 25 13.67 13.71 -42.43
N ASN D 26 12.50 13.39 -42.98
CA ASN D 26 12.16 12.05 -43.44
C ASN D 26 12.35 11.00 -42.33
N ILE D 27 11.94 11.36 -41.12
CA ILE D 27 12.02 10.45 -39.98
C ILE D 27 11.07 9.27 -40.17
N GLY D 28 10.09 9.43 -41.05
CA GLY D 28 9.10 8.39 -41.28
C GLY D 28 9.67 7.16 -41.96
N SER D 29 10.85 7.30 -42.56
CA SER D 29 11.53 6.20 -43.22
C SER D 29 12.49 5.48 -42.28
N LYS D 30 12.50 5.90 -41.01
CA LYS D 30 13.31 5.25 -39.99
C LYS D 30 12.41 4.67 -38.90
N SER D 31 12.96 3.74 -38.13
CA SER D 31 12.25 3.21 -36.97
C SER D 31 12.49 4.12 -35.77
N VAL D 32 11.42 4.55 -35.11
CA VAL D 32 11.54 5.45 -33.97
C VAL D 32 11.21 4.72 -32.67
N HIS D 33 12.12 4.85 -31.69
CA HIS D 33 11.93 4.27 -30.37
C HIS D 33 11.74 5.38 -29.33
N TRP D 34 11.00 5.06 -28.27
CA TRP D 34 10.69 6.05 -27.25
C TRP D 34 11.08 5.58 -25.86
N TYR D 35 11.72 6.46 -25.09
CA TYR D 35 12.16 6.12 -23.74
C TYR D 35 11.54 7.05 -22.69
N GLN D 36 11.18 6.47 -21.56
CA GLN D 36 10.63 7.23 -20.45
C GLN D 36 11.64 7.26 -19.31
N GLN D 37 12.03 8.45 -18.89
CA GLN D 37 12.99 8.59 -17.80
C GLN D 37 12.41 9.37 -16.64
N LYS D 38 12.04 8.67 -15.58
CA LYS D 38 11.58 9.31 -14.35
C LYS D 38 12.77 9.90 -13.62
N PRO D 39 12.54 10.95 -12.80
CA PRO D 39 13.63 11.64 -12.10
C PRO D 39 14.49 10.70 -11.27
N GLY D 40 15.80 10.75 -11.49
CA GLY D 40 16.74 9.94 -10.73
C GLY D 40 16.85 8.49 -11.18
N GLN D 41 16.13 8.14 -12.25
CA GLN D 41 16.13 6.76 -12.73
C GLN D 41 16.71 6.61 -14.14
N ALA D 42 17.05 5.37 -14.51
CA ALA D 42 17.48 5.06 -15.86
C ALA D 42 16.29 5.12 -16.82
N PRO D 43 16.56 5.41 -18.10
CA PRO D 43 15.51 5.38 -19.14
C PRO D 43 14.87 4.00 -19.26
N VAL D 44 13.59 3.97 -19.57
CA VAL D 44 12.84 2.74 -19.78
C VAL D 44 12.21 2.77 -21.17
N LEU D 45 12.40 1.68 -21.93
CA LEU D 45 11.78 1.58 -23.25
C LEU D 45 10.25 1.47 -23.13
N VAL D 46 9.53 2.39 -23.76
CA VAL D 46 8.07 2.35 -23.71
C VAL D 46 7.44 2.01 -25.07
N VAL D 47 8.06 2.47 -26.14
CA VAL D 47 7.62 2.15 -27.50
C VAL D 47 8.83 1.93 -28.40
N TYR D 48 8.81 0.85 -29.17
CA TYR D 48 9.87 0.60 -30.15
C TYR D 48 9.29 0.34 -31.53
N ASP D 49 10.10 0.61 -32.55
CA ASP D 49 9.69 0.44 -33.94
C ASP D 49 8.38 1.18 -34.21
N ASP D 50 8.41 2.48 -33.97
CA ASP D 50 7.27 3.37 -34.19
C ASP D 50 6.09 3.14 -33.24
N SER D 51 5.61 1.91 -33.15
CA SER D 51 4.34 1.67 -32.46
C SER D 51 4.25 0.40 -31.60
N ASP D 52 5.30 -0.42 -31.60
CA ASP D 52 5.28 -1.65 -30.80
C ASP D 52 5.61 -1.39 -29.34
N ARG D 53 4.96 -2.12 -28.44
CA ARG D 53 5.19 -1.97 -27.00
C ARG D 53 5.86 -3.19 -26.38
N PRO D 54 6.83 -2.96 -25.49
CA PRO D 54 7.40 -4.06 -24.70
C PRO D 54 6.35 -4.56 -23.72
N SER D 55 6.46 -5.82 -23.31
CA SER D 55 5.56 -6.37 -22.31
C SER D 55 5.68 -5.58 -21.02
N GLY D 56 4.55 -5.28 -20.40
CA GLY D 56 4.54 -4.54 -19.15
C GLY D 56 4.14 -3.08 -19.31
N ILE D 57 4.26 -2.56 -20.54
CA ILE D 57 3.87 -1.18 -20.81
C ILE D 57 2.39 -1.09 -21.17
N PRO D 58 1.64 -0.25 -20.46
CA PRO D 58 0.19 -0.09 -20.64
C PRO D 58 -0.18 0.30 -22.06
N GLU D 59 -1.39 -0.09 -22.48
CA GLU D 59 -1.87 0.21 -23.82
C GLU D 59 -2.16 1.70 -24.01
N ARG D 60 -2.14 2.45 -22.91
CA ARG D 60 -2.30 3.90 -22.97
C ARG D 60 -1.19 4.54 -23.80
N PHE D 61 -0.05 3.88 -23.88
CA PHE D 61 1.07 4.35 -24.69
C PHE D 61 0.95 3.86 -26.12
N SER D 62 0.97 4.78 -27.08
CA SER D 62 0.95 4.42 -28.48
C SER D 62 1.87 5.32 -29.29
N GLY D 63 2.24 4.86 -30.48
CA GLY D 63 3.16 5.60 -31.30
C GLY D 63 2.80 5.59 -32.78
N SER D 64 3.25 6.62 -33.49
CA SER D 64 3.04 6.71 -34.93
C SER D 64 4.23 7.44 -35.54
N ASN D 65 4.44 7.22 -36.84
CA ASN D 65 5.59 7.82 -37.52
C ASN D 65 5.33 7.94 -39.02
N SER D 66 5.39 9.18 -39.54
CA SER D 66 5.16 9.44 -40.94
C SER D 66 5.68 10.83 -41.29
N GLY D 67 6.15 11.00 -42.53
CA GLY D 67 6.66 12.28 -42.97
C GLY D 67 7.85 12.78 -42.17
N ASN D 68 7.71 13.97 -41.58
CA ASN D 68 8.78 14.54 -40.79
C ASN D 68 8.46 14.55 -39.29
N THR D 69 7.52 13.71 -38.88
CA THR D 69 7.09 13.70 -37.49
C THR D 69 6.73 12.31 -36.97
N ALA D 70 7.37 11.94 -35.86
CA ALA D 70 6.95 10.77 -35.11
C ALA D 70 6.23 11.26 -33.86
N THR D 71 5.27 10.49 -33.38
CA THR D 71 4.48 10.94 -32.23
C THR D 71 4.29 9.85 -31.19
N LEU D 72 4.61 10.17 -29.95
CA LEU D 72 4.29 9.31 -28.82
C LEU D 72 3.01 9.83 -28.19
N THR D 73 1.98 8.98 -28.19
CA THR D 73 0.70 9.37 -27.61
C THR D 73 0.44 8.63 -26.30
N ILE D 74 0.17 9.40 -25.25
CA ILE D 74 -0.19 8.80 -23.96
C ILE D 74 -1.63 9.15 -23.62
N SER D 75 -2.52 8.17 -23.73
CA SER D 75 -3.93 8.36 -23.41
C SER D 75 -4.13 8.21 -21.91
N ARG D 76 -5.18 8.86 -21.41
CA ARG D 76 -5.55 8.76 -19.99
C ARG D 76 -4.37 9.02 -19.06
N VAL D 77 -3.70 10.15 -19.27
CA VAL D 77 -2.50 10.50 -18.52
C VAL D 77 -2.76 10.54 -17.02
N GLU D 78 -1.83 10.01 -16.24
CA GLU D 78 -1.89 10.05 -14.79
C GLU D 78 -0.56 10.52 -14.22
N ALA D 79 -0.51 10.69 -12.90
CA ALA D 79 0.67 11.22 -12.23
C ALA D 79 1.93 10.37 -12.44
N GLY D 80 1.73 9.06 -12.63
CA GLY D 80 2.84 8.16 -12.85
C GLY D 80 3.50 8.33 -14.22
N ASP D 81 2.90 9.15 -15.06
CA ASP D 81 3.41 9.39 -16.41
C ASP D 81 4.38 10.56 -16.43
N GLU D 82 4.52 11.25 -15.29
CA GLU D 82 5.47 12.33 -15.14
C GLU D 82 6.90 11.83 -15.34
N ALA D 83 7.54 12.33 -16.39
CA ALA D 83 8.89 11.92 -16.75
C ALA D 83 9.36 12.72 -17.95
N ASP D 84 10.64 12.57 -18.28
CA ASP D 84 11.18 13.08 -19.54
C ASP D 84 11.08 11.97 -20.57
N TYR D 85 10.63 12.33 -21.77
CA TYR D 85 10.50 11.35 -22.84
C TYR D 85 11.45 11.66 -23.99
N TYR D 86 12.22 10.65 -24.38
CA TYR D 86 13.20 10.80 -25.45
C TYR D 86 12.87 9.89 -26.63
N CYS D 87 12.79 10.47 -27.82
CA CYS D 87 12.69 9.67 -29.03
C CYS D 87 14.10 9.30 -29.46
N GLN D 88 14.21 8.23 -30.25
CA GLN D 88 15.51 7.74 -30.68
C GLN D 88 15.41 7.12 -32.06
N VAL D 89 16.48 7.25 -32.83
CA VAL D 89 16.52 6.72 -34.18
C VAL D 89 17.94 6.24 -34.47
N TRP D 90 18.07 5.15 -35.21
CA TRP D 90 19.37 4.78 -35.75
C TRP D 90 19.54 5.43 -37.12
N ASP D 91 20.65 6.13 -37.29
CA ASP D 91 20.93 6.83 -38.55
C ASP D 91 21.91 6.02 -39.39
N SER D 92 21.38 5.31 -40.37
CA SER D 92 22.19 4.45 -41.23
C SER D 92 23.24 5.22 -42.01
N SER D 93 22.94 6.47 -42.35
CA SER D 93 23.86 7.27 -43.14
C SER D 93 25.10 7.68 -42.36
N SER D 94 25.03 7.63 -41.03
CA SER D 94 26.13 8.08 -40.20
C SER D 94 26.56 7.03 -39.17
N ASP D 95 25.82 5.92 -39.12
CA ASP D 95 26.11 4.83 -38.18
C ASP D 95 26.04 5.27 -36.72
N HIS D 96 25.16 6.24 -36.43
CA HIS D 96 24.98 6.74 -35.09
C HIS D 96 23.55 6.53 -34.61
N TYR D 97 23.40 6.31 -33.31
CA TYR D 97 22.09 6.43 -32.68
C TYR D 97 21.90 7.89 -32.30
N VAL D 98 20.72 8.42 -32.63
CA VAL D 98 20.42 9.82 -32.35
C VAL D 98 19.24 9.93 -31.39
N PHE D 99 19.41 10.70 -30.32
CA PHE D 99 18.34 10.94 -29.37
C PHE D 99 17.70 12.31 -29.61
N GLY D 100 16.40 12.40 -29.34
CA GLY D 100 15.73 13.68 -29.34
C GLY D 100 16.19 14.50 -28.17
N THR D 101 15.82 15.78 -28.14
CA THR D 101 16.27 16.68 -27.10
C THR D 101 15.49 16.50 -25.80
N GLY D 102 14.46 15.66 -25.84
CA GLY D 102 13.72 15.32 -24.63
C GLY D 102 12.53 16.21 -24.36
N THR D 103 11.46 15.60 -23.84
CA THR D 103 10.24 16.32 -23.51
C THR D 103 9.80 15.98 -22.10
N LYS D 104 9.72 16.98 -21.23
CA LYS D 104 9.19 16.79 -19.89
C LYS D 104 7.68 16.90 -19.89
N VAL D 105 7.01 15.82 -19.50
CA VAL D 105 5.56 15.84 -19.35
C VAL D 105 5.21 16.26 -17.93
N THR D 106 4.47 17.36 -17.81
CA THR D 106 3.97 17.80 -16.52
C THR D 106 2.48 17.54 -16.43
N VAL D 107 2.06 16.87 -15.38
CA VAL D 107 0.64 16.57 -15.18
C VAL D 107 -0.01 17.68 -14.36
N LEU D 108 -1.01 18.33 -14.95
CA LEU D 108 -1.71 19.42 -14.28
C LEU D 108 -2.51 18.88 -13.11
N ARG D 109 -2.76 19.74 -12.13
CA ARG D 109 -3.62 19.38 -11.00
C ARG D 109 -4.16 20.67 -10.40
N THR D 110 -4.96 20.55 -9.35
CA THR D 110 -5.46 21.73 -8.66
C THR D 110 -4.31 22.42 -7.95
N VAL D 111 -4.39 23.75 -7.83
CA VAL D 111 -3.33 24.49 -7.16
C VAL D 111 -3.30 24.12 -5.69
N ALA D 112 -2.10 24.02 -5.14
CA ALA D 112 -1.91 23.64 -3.75
C ALA D 112 -0.86 24.54 -3.12
N ALA D 113 -1.23 25.19 -2.03
CA ALA D 113 -0.35 26.12 -1.36
C ALA D 113 0.72 25.36 -0.58
N PRO D 114 1.94 25.90 -0.55
CA PRO D 114 3.03 25.25 0.18
C PRO D 114 2.84 25.36 1.68
N SER D 115 3.24 24.31 2.40
CA SER D 115 3.38 24.37 3.84
C SER D 115 4.78 24.88 4.12
N VAL D 116 4.89 26.05 4.75
CA VAL D 116 6.18 26.68 4.95
C VAL D 116 6.74 26.40 6.35
N PHE D 117 8.02 26.04 6.39
CA PHE D 117 8.71 25.76 7.64
C PHE D 117 10.07 26.46 7.61
N ILE D 118 10.60 26.76 8.79
CA ILE D 118 11.89 27.45 8.86
C ILE D 118 12.78 26.87 9.95
N PHE D 119 14.08 26.76 9.65
CA PHE D 119 15.04 26.16 10.57
C PHE D 119 16.23 27.07 10.85
N PRO D 120 16.51 27.34 12.14
CA PRO D 120 17.70 28.09 12.54
C PRO D 120 18.96 27.23 12.37
N PRO D 121 20.14 27.86 12.30
CA PRO D 121 21.38 27.07 12.21
C PRO D 121 21.65 26.29 13.49
N SER D 122 22.34 25.17 13.36
CA SER D 122 22.69 24.36 14.52
C SER D 122 23.87 24.97 15.26
N ASP D 123 23.97 24.66 16.55
CA ASP D 123 25.09 25.13 17.37
C ASP D 123 26.42 24.54 16.90
N GLU D 124 26.37 23.31 16.38
CA GLU D 124 27.58 22.66 15.89
C GLU D 124 28.13 23.38 14.66
N GLN D 125 27.25 23.80 13.76
CA GLN D 125 27.69 24.58 12.60
C GLN D 125 28.17 25.96 13.04
N LEU D 126 27.39 26.56 13.94
CA LEU D 126 27.73 27.87 14.50
C LEU D 126 29.16 27.86 15.06
N LYS D 127 29.51 26.78 15.74
CA LYS D 127 30.84 26.62 16.31
C LYS D 127 31.93 26.65 15.24
N SER D 128 31.59 26.21 14.03
CA SER D 128 32.57 26.15 12.94
C SER D 128 32.75 27.51 12.27
N GLY D 129 31.90 28.47 12.61
CA GLY D 129 32.04 29.82 12.12
C GLY D 129 31.14 30.22 10.97
N THR D 130 30.15 29.39 10.65
CA THR D 130 29.19 29.71 9.61
C THR D 130 27.76 29.45 10.07
N ALA D 131 26.80 30.16 9.47
CA ALA D 131 25.40 30.00 9.83
C ALA D 131 24.52 29.77 8.61
N SER D 132 23.85 28.62 8.59
CA SER D 132 22.93 28.28 7.51
C SER D 132 21.52 28.18 8.04
N VAL D 133 20.62 28.95 7.47
CA VAL D 133 19.21 28.88 7.84
C VAL D 133 18.39 28.42 6.64
N VAL D 134 17.45 27.51 6.89
CA VAL D 134 16.76 26.81 5.81
C VAL D 134 15.27 27.10 5.80
N CYS D 135 14.74 27.40 4.61
CA CYS D 135 13.32 27.60 4.43
C CYS D 135 12.77 26.50 3.53
N LEU D 136 11.76 25.78 4.03
CA LEU D 136 11.20 24.64 3.31
C LEU D 136 9.77 24.92 2.85
N LEU D 137 9.51 24.73 1.56
CA LEU D 137 8.15 24.81 1.03
C LEU D 137 7.74 23.40 0.64
N ASN D 138 6.72 22.87 1.31
CA ASN D 138 6.36 21.46 1.13
C ASN D 138 5.09 21.23 0.31
N ASN D 139 5.22 20.40 -0.73
CA ASN D 139 4.08 19.88 -1.47
C ASN D 139 3.16 20.95 -2.05
N PHE D 140 3.67 21.71 -3.00
CA PHE D 140 2.88 22.78 -3.59
C PHE D 140 2.72 22.60 -5.09
N TYR D 141 1.71 23.27 -5.65
CA TYR D 141 1.49 23.28 -7.08
C TYR D 141 0.81 24.60 -7.45
N PRO D 142 1.21 25.22 -8.57
CA PRO D 142 2.24 24.78 -9.51
C PRO D 142 3.66 25.12 -9.07
N ARG D 143 4.62 24.90 -9.97
CA ARG D 143 6.04 25.01 -9.64
C ARG D 143 6.48 26.43 -9.32
N GLU D 144 5.97 27.40 -10.05
CA GLU D 144 6.36 28.79 -9.89
C GLU D 144 6.15 29.28 -8.46
N ALA D 145 7.24 29.62 -7.79
CA ALA D 145 7.18 30.16 -6.43
C ALA D 145 8.31 31.15 -6.20
N LYS D 146 8.08 32.09 -5.29
CA LYS D 146 9.06 33.12 -4.97
C LYS D 146 9.45 33.03 -3.49
N VAL D 147 10.72 32.80 -3.21
CA VAL D 147 11.21 32.78 -1.84
C VAL D 147 12.18 33.93 -1.60
N GLN D 148 11.82 34.86 -0.72
CA GLN D 148 12.66 36.00 -0.38
C GLN D 148 13.15 35.90 1.07
N TRP D 149 14.45 36.02 1.28
CA TRP D 149 15.00 36.07 2.64
C TRP D 149 15.01 37.51 3.14
N LYS D 150 14.59 37.70 4.39
CA LYS D 150 14.66 39.00 5.04
C LYS D 150 15.42 38.88 6.36
N VAL D 151 16.41 39.74 6.56
CA VAL D 151 17.16 39.77 7.80
C VAL D 151 17.00 41.14 8.46
N ASP D 152 16.33 41.15 9.62
CA ASP D 152 15.94 42.39 10.28
C ASP D 152 15.17 43.30 9.31
N ASN D 153 14.24 42.68 8.58
CA ASN D 153 13.41 43.36 7.58
C ASN D 153 14.10 43.73 6.27
N ALA D 154 15.40 43.47 6.16
CA ALA D 154 16.14 43.84 4.96
C ALA D 154 16.26 42.66 3.99
N LEU D 155 15.93 42.91 2.73
CA LEU D 155 15.99 41.89 1.68
C LEU D 155 17.42 41.41 1.43
N GLN D 156 17.59 40.10 1.34
CA GLN D 156 18.90 39.52 1.09
C GLN D 156 19.05 39.16 -0.38
N SER D 157 20.27 39.32 -0.90
CA SER D 157 20.57 38.86 -2.24
C SER D 157 21.99 38.31 -2.33
N GLY D 158 22.17 37.27 -3.14
CA GLY D 158 23.47 36.71 -3.40
C GLY D 158 23.99 35.75 -2.33
N ASN D 159 23.25 35.63 -1.24
CA ASN D 159 23.68 34.77 -0.14
C ASN D 159 22.75 33.57 0.10
N SER D 160 22.00 33.18 -0.92
CA SER D 160 21.10 32.03 -0.78
C SER D 160 21.02 31.20 -2.05
N GLN D 161 20.81 29.90 -1.87
CA GLN D 161 20.56 29.00 -2.98
C GLN D 161 19.33 28.16 -2.70
N GLU D 162 18.64 27.75 -3.76
CA GLU D 162 17.47 26.91 -3.62
C GLU D 162 17.49 25.75 -4.61
N SER D 163 16.78 24.68 -4.29
CA SER D 163 16.57 23.59 -5.23
C SER D 163 15.15 23.05 -5.10
N VAL D 164 14.61 22.58 -6.21
CA VAL D 164 13.24 22.12 -6.27
C VAL D 164 13.20 20.67 -6.73
N THR D 165 12.36 19.88 -6.07
CA THR D 165 12.14 18.49 -6.49
C THR D 165 11.29 18.49 -7.75
N GLU D 166 11.36 17.41 -8.51
CA GLU D 166 10.47 17.23 -9.66
C GLU D 166 9.09 16.84 -9.16
N GLN D 167 8.12 16.86 -10.06
CA GLN D 167 6.74 16.52 -9.70
C GLN D 167 6.64 15.17 -9.02
N ASP D 168 5.95 15.14 -7.88
CA ASP D 168 5.75 13.92 -7.13
C ASP D 168 4.96 12.93 -7.96
N SER D 169 5.40 11.68 -7.97
CA SER D 169 4.81 10.66 -8.83
C SER D 169 3.38 10.28 -8.44
N LYS D 170 2.93 10.73 -7.27
CA LYS D 170 1.57 10.41 -6.81
C LYS D 170 0.62 11.60 -6.70
N ASP D 171 1.09 12.72 -6.13
CA ASP D 171 0.22 13.88 -5.95
C ASP D 171 0.54 15.08 -6.84
N SER D 172 1.52 14.90 -7.73
CA SER D 172 1.87 15.91 -8.73
C SER D 172 2.33 17.26 -8.18
N THR D 173 2.85 17.27 -6.95
CA THR D 173 3.30 18.52 -6.33
C THR D 173 4.82 18.66 -6.34
N TYR D 174 5.29 19.84 -5.97
CA TYR D 174 6.72 20.10 -5.84
C TYR D 174 7.06 20.47 -4.41
N SER D 175 8.33 20.32 -4.06
CA SER D 175 8.83 20.85 -2.80
C SER D 175 10.10 21.65 -3.07
N LEU D 176 10.35 22.66 -2.24
CA LEU D 176 11.49 23.55 -2.45
C LEU D 176 12.25 23.72 -1.15
N SER D 177 13.57 23.79 -1.26
CA SER D 177 14.45 24.02 -0.12
C SER D 177 15.39 25.20 -0.41
N SER D 178 15.31 26.24 0.41
CA SER D 178 16.17 27.41 0.24
C SER D 178 17.09 27.59 1.45
N THR D 179 18.38 27.74 1.18
CA THR D 179 19.38 27.86 2.24
C THR D 179 20.08 29.22 2.24
N LEU D 180 19.90 29.97 3.33
CA LEU D 180 20.55 31.26 3.51
C LEU D 180 21.85 31.04 4.29
N THR D 181 22.97 31.53 3.78
CA THR D 181 24.25 31.29 4.45
C THR D 181 25.04 32.57 4.76
N LEU D 182 25.34 32.77 6.04
CA LEU D 182 26.16 33.90 6.48
C LEU D 182 27.30 33.41 7.37
N SER D 183 28.25 34.29 7.64
CA SER D 183 29.26 34.01 8.66
C SER D 183 28.60 34.13 10.03
N LYS D 184 29.19 33.49 11.04
CA LYS D 184 28.62 33.53 12.39
C LYS D 184 28.63 34.96 12.92
N ALA D 185 29.63 35.73 12.51
CA ALA D 185 29.76 37.12 12.92
C ALA D 185 28.59 37.94 12.38
N ASP D 186 28.31 37.80 11.08
CA ASP D 186 27.21 38.51 10.46
C ASP D 186 25.87 38.01 11.00
N TYR D 187 25.82 36.74 11.35
CA TYR D 187 24.60 36.14 11.88
C TYR D 187 24.27 36.68 13.26
N GLU D 188 25.31 37.08 14.00
CA GLU D 188 25.12 37.57 15.36
C GLU D 188 24.74 39.04 15.41
N LYS D 189 25.03 39.75 14.33
CA LYS D 189 24.70 41.17 14.22
C LYS D 189 23.20 41.43 14.19
N HIS D 190 22.43 40.41 13.84
CA HIS D 190 21.00 40.60 13.60
C HIS D 190 20.12 39.69 14.43
N LYS D 191 18.85 40.04 14.52
CA LYS D 191 17.92 39.35 15.40
C LYS D 191 16.85 38.55 14.66
N VAL D 192 16.17 39.19 13.71
CA VAL D 192 15.05 38.53 13.04
C VAL D 192 15.44 37.95 11.69
N TYR D 193 15.21 36.64 11.53
CA TYR D 193 15.50 35.95 10.29
C TYR D 193 14.21 35.38 9.71
N ALA D 194 13.92 35.74 8.46
CA ALA D 194 12.63 35.42 7.87
C ALA D 194 12.73 35.05 6.40
N CYS D 195 11.92 34.10 5.98
CA CYS D 195 11.73 33.88 4.55
C CYS D 195 10.28 34.19 4.18
N GLU D 196 10.11 34.93 3.09
CA GLU D 196 8.81 35.39 2.62
C GLU D 196 8.49 34.68 1.31
N VAL D 197 7.46 33.84 1.32
CA VAL D 197 7.12 33.07 0.12
C VAL D 197 5.85 33.55 -0.59
N THR D 198 5.94 33.66 -1.91
CA THR D 198 4.82 34.05 -2.75
C THR D 198 4.44 32.88 -3.65
N HIS D 199 3.16 32.55 -3.68
CA HIS D 199 2.69 31.40 -4.46
C HIS D 199 1.21 31.56 -4.83
N GLN D 200 0.84 30.96 -5.95
CA GLN D 200 -0.52 31.06 -6.47
C GLN D 200 -1.57 30.59 -5.45
N GLY D 201 -1.23 29.55 -4.69
CA GLY D 201 -2.11 29.00 -3.68
C GLY D 201 -2.19 29.83 -2.42
N LEU D 202 -1.38 30.88 -2.36
CA LEU D 202 -1.40 31.81 -1.24
C LEU D 202 -2.15 33.06 -1.66
N SER D 203 -3.22 33.38 -0.93
CA SER D 203 -4.04 34.55 -1.27
C SER D 203 -3.18 35.81 -1.24
N SER D 204 -2.28 35.86 -0.27
CA SER D 204 -1.25 36.89 -0.19
C SER D 204 0.04 36.22 0.25
N PRO D 205 1.19 36.88 0.02
CA PRO D 205 2.48 36.35 0.50
C PRO D 205 2.47 35.96 1.98
N VAL D 206 3.25 34.95 2.33
CA VAL D 206 3.29 34.43 3.70
C VAL D 206 4.72 34.42 4.24
N THR D 207 4.88 34.87 5.48
CA THR D 207 6.20 34.97 6.11
C THR D 207 6.35 34.00 7.29
N LYS D 208 7.47 33.28 7.31
CA LYS D 208 7.87 32.47 8.46
C LYS D 208 9.18 33.03 9.01
N SER D 209 9.28 33.16 10.33
CA SER D 209 10.43 33.81 10.93
C SER D 209 10.78 33.30 12.32
N PHE D 210 11.97 33.67 12.79
CA PHE D 210 12.35 33.45 14.18
C PHE D 210 13.22 34.60 14.68
N ASN D 211 13.03 34.98 15.94
CA ASN D 211 13.68 36.16 16.51
C ASN D 211 15.05 35.89 17.15
N ARG D 212 15.67 34.77 16.79
CA ARG D 212 16.97 34.38 17.33
C ARG D 212 17.01 34.43 18.85
#